data_6K09
#
_entry.id   6K09
#
_cell.length_a   68.795
_cell.length_b   79.180
_cell.length_c   172.340
_cell.angle_alpha   90.000
_cell.angle_beta   90.000
_cell.angle_gamma   90.000
#
_symmetry.space_group_name_H-M   'P 21 21 21'
#
loop_
_entity.id
_entity.type
_entity.pdbx_description
1 polymer 'Nucleosome Assembly Protein'
2 polymer 'Histone H2B 1,Histone H2A'
3 water water
#
loop_
_entity_poly.entity_id
_entity_poly.type
_entity_poly.pdbx_seq_one_letter_code
_entity_poly.pdbx_strand_id
1 'polypeptide(L)'
;MGSSHHHHHHSSGENLYFQHMGLLSTNFDMIQALPLNVKQRVCALKNLQMKTIQIESDFYKRVHELEIEFEGKFKSTFDQ
RKAIVAGEVEPTKEQIDTPILEGLEGDQLAELYKAAEADPSAKGIKDFWLTALRTHDLVAEAIEEHDVPILSYLTDVTTA
ASKDPAGFKIEFHFATNPYFKNQVLTKTYLLGFDPDAEAPLQFDGPHVIRAVGDTIEWEDGKNVTKKAVKKKQKKGANAG
KFLTKTVKADSFFNFFEPPKSKDERNEDEDDEQAEEFLELDYEMGQAIRDTIIPRAVLFYTGELQSDD
;
A,B
2 'polypeptide(L)'
;HMRKESYSVYIYRVLKQVHPDTGVSSKAMSIMNSFVNDVFERIAAEASRLAHYNKRSTISSREIQTAVRLILPGELAKHA
VSEGTKAVTKYTSSKAKTGGKAKSRSSRAGLQFPVGRLHRILRKGNYAQRVGAGAPVYLAAVLEYLAAEVLELAGNAARD
NKKTRIAPRHLQLAVRNDEELNKLLAGVTIAQGGVLPNIQAVLLPKK
;
D
#
# COMPACT_ATOMS: atom_id res chain seq x y z
N PHE A 18 18.59 -3.63 -0.90
CA PHE A 18 19.97 -4.01 -0.59
C PHE A 18 20.97 -3.20 -1.41
N GLN A 19 21.99 -2.66 -0.72
CA GLN A 19 23.02 -1.83 -1.33
C GLN A 19 24.23 -2.70 -1.71
N HIS A 20 24.38 -3.03 -3.01
CA HIS A 20 25.49 -3.86 -3.47
C HIS A 20 26.83 -3.16 -3.27
N MET A 21 26.84 -1.83 -3.35
CA MET A 21 28.07 -1.07 -3.19
C MET A 21 28.33 -0.92 -1.70
N GLY A 22 29.22 -1.78 -1.18
CA GLY A 22 29.47 -1.80 0.25
C GLY A 22 29.94 -0.47 0.77
N LEU A 23 30.59 0.33 -0.08
CA LEU A 23 31.06 1.64 0.35
C LEU A 23 29.93 2.61 0.58
N LEU A 24 28.73 2.31 0.06
CA LEU A 24 27.55 3.13 0.30
C LEU A 24 26.74 2.64 1.50
N SER A 25 27.26 1.68 2.25
CA SER A 25 26.56 1.18 3.43
C SER A 25 26.36 2.31 4.44
N THR A 26 25.19 2.29 5.09
CA THR A 26 24.84 3.36 6.03
C THR A 26 25.85 3.44 7.17
N ASN A 27 26.34 2.30 7.65
CA ASN A 27 27.28 2.24 8.76
C ASN A 27 28.68 1.86 8.31
N PHE A 28 29.09 2.31 7.12
CA PHE A 28 30.38 1.92 6.58
C PHE A 28 31.53 2.39 7.48
N ASP A 29 31.45 3.62 7.99
CA ASP A 29 32.55 4.16 8.79
C ASP A 29 32.76 3.35 10.05
N MET A 30 31.67 2.89 10.68
CA MET A 30 31.79 2.02 11.85
C MET A 30 32.41 0.68 11.47
N ILE A 31 31.98 0.11 10.34
CA ILE A 31 32.54 -1.16 9.88
C ILE A 31 34.04 -1.04 9.63
N GLN A 32 34.45 0.02 8.92
CA GLN A 32 35.86 0.21 8.59
C GLN A 32 36.72 0.30 9.85
N ALA A 33 36.21 0.94 10.90
CA ALA A 33 36.97 1.12 12.14
C ALA A 33 37.01 -0.14 12.99
N LEU A 34 36.23 -1.16 12.67
CA LEU A 34 36.18 -2.36 13.49
C LEU A 34 37.55 -3.06 13.49
N PRO A 35 38.04 -3.50 14.64
CA PRO A 35 39.27 -4.30 14.66
C PRO A 35 39.14 -5.54 13.79
N LEU A 36 40.30 -6.04 13.33
CA LEU A 36 40.32 -7.11 12.34
C LEU A 36 39.60 -8.35 12.86
N ASN A 37 39.84 -8.74 14.11
CA ASN A 37 39.20 -9.93 14.65
C ASN A 37 37.68 -9.77 14.73
N VAL A 38 37.21 -8.53 14.95
CA VAL A 38 35.77 -8.29 14.94
C VAL A 38 35.23 -8.29 13.51
N LYS A 39 36.01 -7.76 12.57
CA LYS A 39 35.60 -7.80 11.16
C LYS A 39 35.36 -9.23 10.70
N GLN A 40 36.23 -10.16 11.11
CA GLN A 40 36.07 -11.55 10.70
C GLN A 40 34.82 -12.17 11.32
N ARG A 41 34.39 -11.68 12.48
CA ARG A 41 33.12 -12.13 13.04
C ARG A 41 31.94 -11.61 12.22
N VAL A 42 32.02 -10.38 11.74
CA VAL A 42 31.00 -9.86 10.83
C VAL A 42 30.98 -10.70 9.56
N CYS A 43 32.16 -11.14 9.11
CA CYS A 43 32.24 -11.97 7.92
C CYS A 43 31.53 -13.30 8.12
N ALA A 44 31.61 -13.86 9.34
CA ALA A 44 30.87 -15.08 9.65
C ALA A 44 29.37 -14.84 9.60
N LEU A 45 28.91 -13.69 10.08
CA LEU A 45 27.48 -13.39 10.04
C LEU A 45 27.00 -13.21 8.61
N LYS A 46 27.83 -12.63 7.74
CA LYS A 46 27.47 -12.54 6.32
C LYS A 46 27.32 -13.93 5.72
N ASN A 47 28.23 -14.84 6.06
CA ASN A 47 28.11 -16.22 5.60
C ASN A 47 26.86 -16.89 6.16
N LEU A 48 26.59 -16.69 7.45
CA LEU A 48 25.37 -17.24 8.05
C LEU A 48 24.12 -16.59 7.43
N GLN A 49 24.21 -15.31 7.08
CA GLN A 49 23.06 -14.63 6.47
C GLN A 49 22.67 -15.28 5.15
N MET A 50 23.66 -15.73 4.37
CA MET A 50 23.36 -16.41 3.11
C MET A 50 22.61 -17.72 3.35
N LYS A 51 22.96 -18.42 4.43
CA LYS A 51 22.25 -19.66 4.75
C LYS A 51 20.82 -19.37 5.19
N THR A 52 20.61 -18.29 5.95
CA THR A 52 19.25 -17.90 6.32
C THR A 52 18.41 -17.62 5.09
N ILE A 53 18.98 -16.90 4.12
CA ILE A 53 18.25 -16.56 2.90
C ILE A 53 17.91 -17.82 2.11
N GLN A 54 18.83 -18.79 2.08
CA GLN A 54 18.56 -20.05 1.38
C GLN A 54 17.35 -20.75 1.99
N ILE A 55 17.25 -20.75 3.32
CA ILE A 55 16.07 -21.34 3.96
C ILE A 55 14.82 -20.54 3.61
N GLU A 56 14.94 -19.22 3.55
CA GLU A 56 13.82 -18.38 3.13
C GLU A 56 13.35 -18.75 1.74
N SER A 57 14.30 -19.08 0.84
CA SER A 57 13.94 -19.51 -0.50
C SER A 57 13.05 -20.75 -0.46
N ASP A 58 13.37 -21.72 0.40
CA ASP A 58 12.52 -22.89 0.53
C ASP A 58 11.15 -22.54 1.11
N PHE A 59 11.09 -21.54 2.00
CA PHE A 59 9.81 -21.10 2.55
C PHE A 59 8.90 -20.57 1.45
N TYR A 60 9.43 -19.70 0.58
CA TYR A 60 8.63 -19.14 -0.49
C TYR A 60 8.19 -20.21 -1.48
N LYS A 61 8.99 -21.24 -1.67
CA LYS A 61 8.58 -22.36 -2.51
C LYS A 61 7.37 -23.07 -1.92
N ARG A 62 7.37 -23.26 -0.59
CA ARG A 62 6.22 -23.90 0.05
C ARG A 62 4.98 -23.03 -0.02
N VAL A 63 5.15 -21.70 0.14
CA VAL A 63 4.02 -20.78 0.01
C VAL A 63 3.45 -20.83 -1.40
N HIS A 64 4.33 -20.90 -2.41
CA HIS A 64 3.86 -21.02 -3.79
C HIS A 64 3.03 -22.28 -3.98
N GLU A 65 3.49 -23.41 -3.45
CA GLU A 65 2.70 -24.63 -3.51
C GLU A 65 1.40 -24.48 -2.75
N LEU A 66 1.42 -23.75 -1.63
CA LEU A 66 0.20 -23.49 -0.88
C LEU A 66 -0.80 -22.67 -1.70
N GLU A 67 -0.30 -21.67 -2.42
CA GLU A 67 -1.17 -20.87 -3.28
C GLU A 67 -1.79 -21.74 -4.38
N ILE A 68 -1.00 -22.64 -4.96
CA ILE A 68 -1.53 -23.58 -5.96
C ILE A 68 -2.61 -24.44 -5.34
N GLU A 69 -2.36 -24.94 -4.12
CA GLU A 69 -3.32 -25.80 -3.45
C GLU A 69 -4.64 -25.08 -3.19
N PHE A 70 -4.56 -23.78 -2.89
CA PHE A 70 -5.77 -23.03 -2.56
C PHE A 70 -6.56 -22.58 -3.78
N GLU A 71 -6.05 -22.81 -5.00
CA GLU A 71 -6.82 -22.47 -6.18
C GLU A 71 -8.12 -23.26 -6.23
N GLY A 72 -8.04 -24.56 -5.89
CA GLY A 72 -9.24 -25.38 -5.85
C GLY A 72 -10.24 -24.94 -4.79
N LYS A 73 -9.75 -24.35 -3.71
CA LYS A 73 -10.66 -23.89 -2.65
C LYS A 73 -11.32 -22.56 -3.03
N PHE A 74 -10.57 -21.67 -3.67
CA PHE A 74 -11.13 -20.41 -4.16
C PHE A 74 -12.05 -20.61 -5.36
N LYS A 75 -11.89 -21.72 -6.08
CA LYS A 75 -12.43 -21.83 -7.44
C LYS A 75 -13.94 -21.69 -7.48
N SER A 76 -14.66 -22.18 -6.47
CA SER A 76 -16.12 -22.15 -6.56
C SER A 76 -16.68 -20.75 -6.31
N THR A 77 -16.05 -19.97 -5.44
CA THR A 77 -16.48 -18.59 -5.27
C THR A 77 -16.17 -17.75 -6.51
N PHE A 78 -15.05 -18.03 -7.18
CA PHE A 78 -14.75 -17.33 -8.42
C PHE A 78 -15.67 -17.79 -9.55
N ASP A 79 -16.00 -19.07 -9.58
CA ASP A 79 -16.90 -19.59 -10.62
C ASP A 79 -18.29 -18.99 -10.47
N GLN A 80 -18.81 -18.94 -9.24
CA GLN A 80 -20.13 -18.37 -9.01
C GLN A 80 -20.17 -16.89 -9.35
N ARG A 81 -19.09 -16.18 -9.05
CA ARG A 81 -19.00 -14.77 -9.42
C ARG A 81 -19.06 -14.60 -10.93
N LYS A 82 -18.35 -15.45 -11.67
CA LYS A 82 -18.40 -15.41 -13.13
C LYS A 82 -19.81 -15.67 -13.64
N ALA A 83 -20.50 -16.65 -13.07
CA ALA A 83 -21.87 -16.95 -13.50
C ALA A 83 -22.82 -15.80 -13.17
N ILE A 84 -22.62 -15.16 -12.02
CA ILE A 84 -23.45 -14.00 -11.68
C ILE A 84 -23.19 -12.84 -12.63
N VAL A 85 -21.92 -12.57 -12.91
CA VAL A 85 -21.56 -11.46 -13.80
C VAL A 85 -22.12 -11.71 -15.20
N ALA A 86 -22.08 -12.95 -15.66
CA ALA A 86 -22.55 -13.28 -17.00
C ALA A 86 -24.06 -13.45 -17.08
N GLY A 87 -24.77 -13.41 -15.95
CA GLY A 87 -26.20 -13.61 -15.97
C GLY A 87 -26.64 -15.04 -16.16
N GLU A 88 -25.77 -16.00 -15.86
CA GLU A 88 -26.07 -17.42 -16.06
C GLU A 88 -26.75 -18.05 -14.85
N VAL A 89 -26.80 -17.36 -13.71
CA VAL A 89 -27.51 -17.84 -12.53
C VAL A 89 -28.11 -16.63 -11.82
N GLU A 90 -29.23 -16.85 -11.12
CA GLU A 90 -29.96 -15.82 -10.42
C GLU A 90 -29.55 -15.75 -8.95
N PRO A 91 -29.53 -14.55 -8.37
CA PRO A 91 -29.24 -14.43 -6.94
C PRO A 91 -30.27 -15.16 -6.09
N THR A 92 -29.81 -15.78 -5.01
CA THR A 92 -30.68 -16.44 -4.07
C THR A 92 -31.27 -15.44 -3.08
N LYS A 93 -32.18 -15.94 -2.24
CA LYS A 93 -32.76 -15.09 -1.19
C LYS A 93 -31.68 -14.63 -0.21
N GLU A 94 -30.78 -15.53 0.17
CA GLU A 94 -29.68 -15.16 1.07
C GLU A 94 -28.79 -14.11 0.44
N GLN A 95 -28.56 -14.21 -0.88
CA GLN A 95 -27.69 -13.25 -1.55
C GLN A 95 -28.37 -11.89 -1.68
N ILE A 96 -29.68 -11.89 -1.95
CA ILE A 96 -30.42 -10.63 -2.03
C ILE A 96 -30.42 -9.93 -0.68
N ASP A 97 -30.47 -10.69 0.42
CA ASP A 97 -30.49 -10.12 1.76
C ASP A 97 -29.13 -9.58 2.20
N THR A 98 -28.09 -9.71 1.38
CA THR A 98 -26.79 -9.13 1.70
C THR A 98 -26.75 -7.69 1.23
N PRO A 99 -26.40 -6.74 2.11
CA PRO A 99 -26.40 -5.33 1.70
C PRO A 99 -25.41 -5.07 0.57
N ILE A 100 -25.85 -4.27 -0.41
CA ILE A 100 -24.98 -3.95 -1.55
C ILE A 100 -23.78 -3.15 -1.09
N LEU A 101 -23.95 -2.28 -0.11
CA LEU A 101 -22.86 -1.55 0.50
C LEU A 101 -23.03 -1.59 2.02
N GLU A 102 -21.93 -1.36 2.73
CA GLU A 102 -21.93 -1.35 4.18
C GLU A 102 -22.03 0.07 4.72
N GLY A 103 -22.34 0.16 6.00
CA GLY A 103 -22.36 1.44 6.69
C GLY A 103 -23.45 2.40 6.26
N LEU A 104 -24.58 1.88 5.80
CA LEU A 104 -25.73 2.72 5.46
C LEU A 104 -26.74 2.63 6.60
N GLU A 105 -27.08 3.78 7.17
CA GLU A 105 -27.96 3.83 8.33
C GLU A 105 -29.24 4.58 8.00
N GLY A 106 -30.32 4.19 8.69
CA GLY A 106 -31.59 4.89 8.59
C GLY A 106 -32.21 4.98 7.21
N ASP A 107 -32.81 3.89 6.74
CA ASP A 107 -33.50 3.83 5.46
C ASP A 107 -32.63 4.16 4.25
N GLN A 108 -31.33 4.36 4.46
CA GLN A 108 -30.45 4.67 3.34
C GLN A 108 -30.35 3.49 2.37
N LEU A 109 -30.30 2.27 2.90
CA LEU A 109 -30.23 1.09 2.05
C LEU A 109 -31.54 0.88 1.30
N ALA A 110 -32.67 1.13 1.96
CA ALA A 110 -33.97 1.02 1.29
C ALA A 110 -34.07 1.99 0.12
N GLU A 111 -33.71 3.25 0.35
CA GLU A 111 -33.77 4.24 -0.72
C GLU A 111 -32.81 3.90 -1.86
N LEU A 112 -31.66 3.30 -1.53
CA LEU A 112 -30.73 2.87 -2.57
C LEU A 112 -31.37 1.86 -3.51
N TYR A 113 -32.06 0.86 -2.95
CA TYR A 113 -32.74 -0.14 -3.77
C TYR A 113 -33.92 0.44 -4.53
N LYS A 114 -34.45 1.58 -4.10
CA LYS A 114 -35.57 2.23 -4.78
C LYS A 114 -35.13 3.21 -5.85
N ALA A 115 -33.83 3.42 -6.04
CA ALA A 115 -33.36 4.47 -6.94
C ALA A 115 -33.49 4.12 -8.42
N ALA A 116 -33.59 2.83 -8.76
CA ALA A 116 -33.69 2.44 -10.16
C ALA A 116 -34.47 1.15 -10.28
N GLU A 117 -35.58 1.20 -11.02
CA GLU A 117 -36.41 0.01 -11.21
C GLU A 117 -35.64 -1.05 -12.00
N ALA A 118 -36.01 -2.31 -11.76
CA ALA A 118 -35.40 -3.42 -12.48
C ALA A 118 -35.58 -3.28 -13.99
N ASP A 119 -34.56 -3.67 -14.74
CA ASP A 119 -34.57 -3.62 -16.20
C ASP A 119 -34.33 -5.01 -16.75
N PRO A 120 -35.38 -5.70 -17.20
CA PRO A 120 -35.20 -7.08 -17.70
C PRO A 120 -34.28 -7.19 -18.90
N SER A 121 -34.02 -6.10 -19.61
CA SER A 121 -33.08 -6.14 -20.74
C SER A 121 -31.63 -6.09 -20.29
N ALA A 122 -31.37 -5.71 -19.04
CA ALA A 122 -30.01 -5.67 -18.49
C ALA A 122 -29.68 -7.04 -17.91
N LYS A 123 -28.74 -7.74 -18.54
CA LYS A 123 -28.36 -9.09 -18.16
C LYS A 123 -27.01 -9.09 -17.49
N GLY A 124 -26.86 -9.93 -16.46
CA GLY A 124 -25.63 -9.97 -15.68
C GLY A 124 -25.27 -8.61 -15.12
N ILE A 125 -23.96 -8.36 -15.04
CA ILE A 125 -23.42 -7.09 -14.56
C ILE A 125 -22.51 -6.56 -15.66
N LYS A 126 -22.98 -5.55 -16.39
CA LYS A 126 -22.22 -5.01 -17.51
C LYS A 126 -20.99 -4.26 -17.02
N ASP A 127 -19.89 -4.43 -17.75
CA ASP A 127 -18.64 -3.72 -17.50
C ASP A 127 -18.05 -4.01 -16.12
N PHE A 128 -18.30 -5.21 -15.59
CA PHE A 128 -17.84 -5.52 -14.23
C PHE A 128 -16.32 -5.43 -14.13
N TRP A 129 -15.61 -6.14 -15.00
CA TRP A 129 -14.16 -6.17 -14.90
C TRP A 129 -13.52 -4.86 -15.37
N LEU A 130 -14.11 -4.21 -16.37
CA LEU A 130 -13.63 -2.90 -16.76
C LEU A 130 -13.69 -1.92 -15.59
N THR A 131 -14.83 -1.90 -14.89
CA THR A 131 -14.97 -0.99 -13.75
C THR A 131 -14.00 -1.37 -12.63
N ALA A 132 -13.88 -2.66 -12.34
CA ALA A 132 -12.98 -3.11 -11.28
C ALA A 132 -11.53 -2.74 -11.59
N LEU A 133 -11.09 -2.99 -12.82
CA LEU A 133 -9.70 -2.72 -13.19
C LEU A 133 -9.38 -1.24 -13.14
N ARG A 134 -10.30 -0.39 -13.61
CA ARG A 134 -10.02 1.04 -13.69
C ARG A 134 -10.23 1.76 -12.37
N THR A 135 -10.80 1.09 -11.36
CA THR A 135 -10.88 1.66 -10.03
C THR A 135 -9.63 1.40 -9.20
N HIS A 136 -8.86 0.37 -9.55
CA HIS A 136 -7.54 0.18 -8.95
C HIS A 136 -6.58 1.22 -9.52
N ASP A 137 -5.91 1.95 -8.63
CA ASP A 137 -5.17 3.14 -9.06
C ASP A 137 -4.02 2.77 -9.99
N LEU A 138 -3.32 1.65 -9.70
CA LEU A 138 -2.18 1.27 -10.53
C LEU A 138 -2.62 0.83 -11.91
N VAL A 139 -3.69 0.03 -11.99
CA VAL A 139 -4.18 -0.43 -13.28
C VAL A 139 -4.86 0.70 -14.03
N ALA A 140 -5.51 1.62 -13.32
CA ALA A 140 -6.15 2.76 -13.98
C ALA A 140 -5.14 3.59 -14.77
N GLU A 141 -3.91 3.72 -14.26
CA GLU A 141 -2.90 4.51 -14.96
C GLU A 141 -2.55 3.90 -16.31
N ALA A 142 -2.69 2.58 -16.44
CA ALA A 142 -2.39 1.89 -17.69
C ALA A 142 -3.56 1.87 -18.66
N ILE A 143 -4.75 2.23 -18.24
CA ILE A 143 -5.94 2.17 -19.09
C ILE A 143 -6.14 3.52 -19.74
N GLU A 144 -6.02 3.55 -21.07
CA GLU A 144 -6.30 4.75 -21.85
C GLU A 144 -7.76 4.73 -22.31
N GLU A 145 -8.20 5.87 -22.84
CA GLU A 145 -9.60 6.01 -23.23
C GLU A 145 -9.97 5.04 -24.34
N HIS A 146 -9.06 4.79 -25.28
CA HIS A 146 -9.35 3.86 -26.35
C HIS A 146 -9.30 2.40 -25.91
N ASP A 147 -8.82 2.12 -24.69
CA ASP A 147 -8.92 0.79 -24.12
C ASP A 147 -10.28 0.53 -23.47
N VAL A 148 -11.00 1.59 -23.10
CA VAL A 148 -12.23 1.41 -22.32
C VAL A 148 -13.28 0.58 -23.06
N PRO A 149 -13.64 0.89 -24.32
CA PRO A 149 -14.64 0.05 -25.00
C PRO A 149 -14.16 -1.36 -25.29
N ILE A 150 -12.85 -1.60 -25.34
CA ILE A 150 -12.34 -2.95 -25.54
C ILE A 150 -12.52 -3.77 -24.26
N LEU A 151 -12.15 -3.18 -23.12
CA LEU A 151 -12.30 -3.88 -21.84
C LEU A 151 -13.75 -4.11 -21.46
N SER A 152 -14.69 -3.43 -22.13
CA SER A 152 -16.10 -3.69 -21.90
C SER A 152 -16.48 -5.12 -22.25
N TYR A 153 -15.76 -5.74 -23.18
CA TYR A 153 -16.03 -7.11 -23.61
C TYR A 153 -15.38 -8.16 -22.70
N LEU A 154 -14.69 -7.73 -21.65
CA LEU A 154 -14.07 -8.66 -20.71
C LEU A 154 -15.14 -9.39 -19.91
N THR A 155 -15.17 -10.72 -20.02
CA THR A 155 -16.13 -11.53 -19.27
C THR A 155 -15.55 -12.15 -18.00
N ASP A 156 -14.24 -12.35 -17.94
CA ASP A 156 -13.63 -12.92 -16.76
C ASP A 156 -12.14 -12.63 -16.76
N VAL A 157 -11.56 -12.63 -15.56
CA VAL A 157 -10.11 -12.52 -15.36
C VAL A 157 -9.71 -13.58 -14.36
N THR A 158 -8.84 -14.50 -14.77
CA THR A 158 -8.44 -15.64 -13.96
C THR A 158 -6.92 -15.65 -13.80
N THR A 159 -6.47 -16.43 -12.81
CA THR A 159 -5.04 -16.59 -12.57
C THR A 159 -4.77 -17.99 -12.03
N ALA A 160 -3.63 -18.54 -12.43
CA ALA A 160 -3.20 -19.85 -11.97
C ALA A 160 -1.68 -19.87 -11.87
N ALA A 161 -1.18 -20.64 -10.92
CA ALA A 161 0.26 -20.76 -10.67
C ALA A 161 0.73 -22.16 -11.01
N SER A 162 2.03 -22.26 -11.30
CA SER A 162 2.64 -23.53 -11.68
C SER A 162 3.92 -23.76 -10.90
N LYS A 163 4.25 -25.04 -10.71
CA LYS A 163 5.49 -25.42 -10.02
C LYS A 163 6.65 -25.60 -10.98
N ASP A 164 6.39 -26.10 -12.19
CA ASP A 164 7.43 -26.32 -13.19
C ASP A 164 6.88 -26.08 -14.59
N PRO A 165 7.26 -24.98 -15.25
CA PRO A 165 8.17 -23.96 -14.74
C PRO A 165 7.52 -23.07 -13.68
N ALA A 166 8.32 -22.62 -12.71
CA ALA A 166 7.77 -21.85 -11.60
C ALA A 166 7.28 -20.49 -12.06
N GLY A 167 6.04 -20.16 -11.71
CA GLY A 167 5.50 -18.85 -12.02
C GLY A 167 3.98 -18.89 -11.96
N PHE A 168 3.37 -17.94 -12.65
CA PHE A 168 1.92 -17.87 -12.72
C PHE A 168 1.51 -17.15 -14.00
N LYS A 169 0.23 -17.28 -14.34
CA LYS A 169 -0.34 -16.59 -15.48
C LYS A 169 -1.60 -15.86 -15.07
N ILE A 170 -1.94 -14.82 -15.85
CA ILE A 170 -3.22 -14.14 -15.75
C ILE A 170 -3.87 -14.20 -17.13
N GLU A 171 -5.12 -14.62 -17.17
CA GLU A 171 -5.84 -14.78 -18.43
C GLU A 171 -7.05 -13.87 -18.45
N PHE A 172 -7.21 -13.14 -19.56
CA PHE A 172 -8.29 -12.19 -19.74
C PHE A 172 -9.22 -12.74 -20.82
N HIS A 173 -10.46 -13.05 -20.43
CA HIS A 173 -11.43 -13.68 -21.31
C HIS A 173 -12.33 -12.62 -21.93
N PHE A 174 -12.40 -12.61 -23.26
CA PHE A 174 -13.13 -11.61 -24.01
C PHE A 174 -14.24 -12.26 -24.84
N ALA A 175 -15.46 -11.74 -24.71
CA ALA A 175 -16.52 -12.11 -25.62
C ALA A 175 -16.21 -11.63 -27.04
N THR A 176 -16.94 -12.19 -28.01
CA THR A 176 -16.79 -11.78 -29.40
C THR A 176 -16.92 -10.27 -29.53
N ASN A 177 -15.92 -9.65 -30.15
CA ASN A 177 -15.79 -8.19 -30.14
C ASN A 177 -15.20 -7.74 -31.47
N PRO A 178 -15.41 -6.49 -31.86
CA PRO A 178 -14.88 -6.00 -33.14
C PRO A 178 -13.41 -5.58 -33.08
N TYR A 179 -12.72 -5.76 -31.96
CA TYR A 179 -11.34 -5.29 -31.83
C TYR A 179 -10.31 -6.38 -32.14
N PHE A 180 -10.49 -7.60 -31.64
CA PHE A 180 -9.55 -8.68 -31.94
C PHE A 180 -10.27 -10.01 -31.86
N LYS A 181 -9.67 -11.03 -32.49
CA LYS A 181 -10.29 -12.34 -32.60
C LYS A 181 -10.05 -13.22 -31.38
N ASN A 182 -9.07 -12.89 -30.53
CA ASN A 182 -8.72 -13.74 -29.41
C ASN A 182 -9.86 -13.82 -28.40
N GLN A 183 -10.17 -15.03 -27.95
CA GLN A 183 -11.08 -15.22 -26.83
C GLN A 183 -10.40 -14.97 -25.50
N VAL A 184 -9.15 -15.42 -25.37
CA VAL A 184 -8.39 -15.36 -24.12
C VAL A 184 -7.04 -14.71 -24.42
N LEU A 185 -6.71 -13.66 -23.70
CA LEU A 185 -5.38 -13.07 -23.73
C LEU A 185 -4.64 -13.51 -22.47
N THR A 186 -3.44 -14.05 -22.66
CA THR A 186 -2.69 -14.69 -21.58
C THR A 186 -1.40 -13.94 -21.32
N LYS A 187 -1.14 -13.63 -20.05
CA LYS A 187 0.12 -13.06 -19.60
C LYS A 187 0.76 -14.04 -18.62
N THR A 188 2.01 -14.41 -18.88
CA THR A 188 2.70 -15.42 -18.09
C THR A 188 3.98 -14.83 -17.51
N TYR A 189 4.23 -15.10 -16.24
CA TYR A 189 5.45 -14.68 -15.56
C TYR A 189 6.20 -15.93 -15.11
N LEU A 190 7.46 -16.04 -15.53
CA LEU A 190 8.36 -17.07 -15.03
C LEU A 190 9.13 -16.50 -13.85
N LEU A 191 9.03 -17.15 -12.70
CA LEU A 191 9.60 -16.64 -11.46
C LEU A 191 10.79 -17.47 -11.03
N GLY A 192 11.78 -16.82 -10.43
CA GLY A 192 12.90 -17.49 -9.81
C GLY A 192 12.73 -17.49 -8.30
N PHE A 193 12.79 -18.69 -7.71
CA PHE A 193 12.59 -18.86 -6.28
C PHE A 193 13.90 -19.12 -5.54
N ASP A 194 15.00 -19.22 -6.24
CA ASP A 194 16.30 -19.43 -5.64
C ASP A 194 17.07 -18.12 -5.58
N PRO A 195 17.97 -17.95 -4.61
CA PRO A 195 18.80 -16.75 -4.58
C PRO A 195 19.76 -16.74 -5.76
N ASP A 196 20.03 -15.55 -6.28
CA ASP A 196 21.06 -15.39 -7.30
C ASP A 196 22.41 -15.81 -6.71
N ALA A 197 23.01 -16.85 -7.29
CA ALA A 197 24.30 -17.32 -6.80
C ALA A 197 25.39 -16.26 -6.92
N GLU A 198 25.19 -15.28 -7.80
CA GLU A 198 26.15 -14.19 -7.95
C GLU A 198 25.88 -13.03 -6.99
N ALA A 199 24.69 -12.98 -6.40
CA ALA A 199 24.35 -11.94 -5.41
C ALA A 199 23.37 -12.53 -4.41
N PRO A 200 23.85 -13.46 -3.56
CA PRO A 200 22.91 -14.18 -2.68
C PRO A 200 22.26 -13.31 -1.62
N LEU A 201 22.93 -12.26 -1.14
CA LEU A 201 22.39 -11.43 -0.08
C LEU A 201 21.24 -10.54 -0.53
N GLN A 202 21.01 -10.41 -1.83
CA GLN A 202 19.97 -9.52 -2.34
C GLN A 202 18.59 -10.16 -2.32
N PHE A 203 18.51 -11.49 -2.23
CA PHE A 203 17.24 -12.19 -2.31
C PHE A 203 16.25 -11.65 -1.27
N ASP A 204 15.05 -11.31 -1.74
CA ASP A 204 13.98 -10.86 -0.87
C ASP A 204 12.63 -11.42 -1.31
N GLY A 205 12.63 -12.62 -1.88
CA GLY A 205 11.42 -13.25 -2.34
C GLY A 205 11.53 -13.65 -3.80
N PRO A 206 10.45 -14.20 -4.34
CA PRO A 206 10.46 -14.59 -5.76
C PRO A 206 10.68 -13.38 -6.67
N HIS A 207 11.45 -13.59 -7.72
CA HIS A 207 11.81 -12.54 -8.66
C HIS A 207 11.55 -13.00 -10.09
N VAL A 208 11.25 -12.04 -10.95
CA VAL A 208 10.88 -12.34 -12.33
C VAL A 208 12.12 -12.67 -13.15
N ILE A 209 12.06 -13.79 -13.85
CA ILE A 209 13.07 -14.10 -14.86
C ILE A 209 12.61 -13.64 -16.24
N ARG A 210 11.35 -13.88 -16.57
CA ARG A 210 10.83 -13.64 -17.90
C ARG A 210 9.34 -13.37 -17.83
N ALA A 211 8.87 -12.43 -18.66
CA ALA A 211 7.45 -12.20 -18.87
C ALA A 211 7.12 -12.57 -20.30
N VAL A 212 6.09 -13.39 -20.49
CA VAL A 212 5.66 -13.82 -21.81
C VAL A 212 4.24 -13.33 -22.03
N GLY A 213 4.04 -12.58 -23.09
CA GLY A 213 2.73 -12.02 -23.41
C GLY A 213 1.95 -12.87 -24.38
N ASP A 214 1.18 -12.21 -25.24
CA ASP A 214 0.29 -12.89 -26.16
C ASP A 214 0.09 -12.03 -27.40
N THR A 215 0.13 -12.67 -28.56
CA THR A 215 -0.08 -11.96 -29.82
C THR A 215 -1.57 -11.66 -29.99
N ILE A 216 -1.91 -10.38 -30.10
CA ILE A 216 -3.29 -9.96 -30.26
C ILE A 216 -3.61 -9.90 -31.75
N GLU A 217 -4.68 -10.60 -32.16
CA GLU A 217 -5.08 -10.66 -33.57
C GLU A 217 -6.06 -9.52 -33.84
N TRP A 218 -5.50 -8.32 -33.97
CA TRP A 218 -6.31 -7.12 -34.13
C TRP A 218 -7.06 -7.12 -35.46
N GLU A 219 -8.29 -6.64 -35.42
CA GLU A 219 -9.00 -6.35 -36.67
C GLU A 219 -8.42 -5.08 -37.29
N ASP A 220 -8.78 -4.86 -38.56
CA ASP A 220 -8.19 -3.75 -39.32
C ASP A 220 -8.43 -2.41 -38.64
N GLY A 221 -7.34 -1.69 -38.39
CA GLY A 221 -7.40 -0.35 -37.84
C GLY A 221 -7.75 -0.26 -36.37
N LYS A 222 -7.73 -1.37 -35.63
CA LYS A 222 -8.11 -1.37 -34.23
C LYS A 222 -6.94 -1.47 -33.28
N ASN A 223 -5.71 -1.59 -33.80
CA ASN A 223 -4.53 -1.80 -32.94
C ASN A 223 -4.15 -0.48 -32.30
N VAL A 224 -4.68 -0.25 -31.10
CA VAL A 224 -4.38 0.98 -30.36
C VAL A 224 -2.99 0.99 -29.76
N THR A 225 -2.25 -0.12 -29.83
CA THR A 225 -0.90 -0.19 -29.26
C THR A 225 0.20 0.27 -30.21
N LYS A 226 -0.09 0.46 -31.50
CA LYS A 226 0.91 0.89 -32.45
C LYS A 226 0.48 2.14 -33.18
N LYS A 227 1.46 2.99 -33.51
CA LYS A 227 1.22 4.15 -34.34
C LYS A 227 2.50 4.46 -35.11
N ALA A 228 2.34 5.02 -36.31
CA ALA A 228 3.46 5.37 -37.17
C ALA A 228 3.88 6.82 -36.92
N VAL A 229 5.18 7.07 -37.05
CA VAL A 229 5.73 8.42 -36.97
C VAL A 229 6.71 8.62 -38.11
N LYS A 230 6.76 9.85 -38.63
CA LYS A 230 7.67 10.19 -39.70
C LYS A 230 8.87 10.98 -39.18
N LEU A 243 11.81 9.03 -42.91
CA LEU A 243 11.39 7.63 -42.92
C LEU A 243 10.21 7.43 -41.97
N THR A 244 9.44 6.38 -42.20
CA THR A 244 8.27 6.06 -41.39
C THR A 244 8.53 4.79 -40.60
N LYS A 245 8.36 4.88 -39.28
CA LYS A 245 8.62 3.76 -38.38
C LYS A 245 7.44 3.56 -37.45
N THR A 246 7.26 2.31 -37.02
CA THR A 246 6.20 1.94 -36.10
C THR A 246 6.72 1.99 -34.67
N VAL A 247 6.00 2.70 -33.80
CA VAL A 247 6.40 2.84 -32.40
C VAL A 247 5.25 2.44 -31.51
N LYS A 248 5.57 2.21 -30.24
CA LYS A 248 4.56 1.83 -29.25
C LYS A 248 3.68 3.01 -28.90
N ALA A 249 2.37 2.77 -28.87
CA ALA A 249 1.40 3.75 -28.39
C ALA A 249 0.91 3.31 -27.02
N ASP A 250 0.60 4.28 -26.16
CA ASP A 250 0.15 3.96 -24.81
C ASP A 250 -1.18 3.24 -24.84
N SER A 251 -1.22 2.07 -24.22
CA SER A 251 -2.44 1.26 -24.15
C SER A 251 -2.26 0.19 -23.08
N PHE A 252 -3.36 -0.12 -22.39
CA PHE A 252 -3.36 -1.24 -21.45
C PHE A 252 -2.90 -2.53 -22.11
N PHE A 253 -3.21 -2.70 -23.39
CA PHE A 253 -2.94 -3.97 -24.06
C PHE A 253 -1.48 -4.17 -24.43
N ASN A 254 -0.62 -3.19 -24.16
CA ASN A 254 0.82 -3.46 -24.14
C ASN A 254 1.21 -4.37 -23.00
N PHE A 255 0.31 -4.61 -22.04
CA PHE A 255 0.51 -5.63 -21.02
C PHE A 255 0.81 -6.98 -21.64
N PHE A 256 0.33 -7.23 -22.85
CA PHE A 256 0.50 -8.51 -23.53
C PHE A 256 1.66 -8.49 -24.53
N GLU A 257 2.46 -7.43 -24.55
CA GLU A 257 3.72 -7.41 -25.28
C GLU A 257 4.83 -6.90 -24.36
N PRO A 258 5.27 -7.71 -23.40
CA PRO A 258 6.30 -7.27 -22.47
C PRO A 258 7.65 -7.20 -23.15
N PRO A 259 8.62 -6.46 -22.59
CA PRO A 259 9.97 -6.38 -23.16
C PRO A 259 10.65 -7.75 -23.26
N GLU A 272 18.58 0.13 -21.46
CA GLU A 272 19.11 0.51 -20.17
C GLU A 272 18.09 0.32 -19.06
N GLN A 273 17.04 1.15 -19.09
CA GLN A 273 15.97 1.08 -18.10
C GLN A 273 14.81 0.20 -18.55
N ALA A 274 15.05 -0.75 -19.46
CA ALA A 274 14.01 -1.71 -19.81
C ALA A 274 13.81 -2.76 -18.72
N GLU A 275 14.78 -2.90 -17.81
CA GLU A 275 14.63 -3.84 -16.72
C GLU A 275 13.72 -3.32 -15.62
N GLU A 276 13.66 -2.00 -15.43
CA GLU A 276 12.67 -1.43 -14.53
C GLU A 276 11.27 -1.52 -15.12
N PHE A 277 11.18 -1.38 -16.45
CA PHE A 277 9.90 -1.55 -17.12
C PHE A 277 9.34 -2.95 -16.88
N LEU A 278 10.21 -3.96 -16.83
CA LEU A 278 9.76 -5.30 -16.47
C LEU A 278 9.26 -5.34 -15.03
N GLU A 279 9.90 -4.59 -14.14
CA GLU A 279 9.48 -4.61 -12.74
C GLU A 279 8.14 -3.90 -12.56
N LEU A 280 7.92 -2.83 -13.32
CA LEU A 280 6.62 -2.17 -13.30
C LEU A 280 5.55 -3.08 -13.89
N ASP A 281 5.88 -3.77 -14.99
CA ASP A 281 4.93 -4.73 -15.57
C ASP A 281 4.62 -5.85 -14.59
N TYR A 282 5.63 -6.36 -13.89
CA TYR A 282 5.40 -7.39 -12.90
C TYR A 282 4.54 -6.88 -11.75
N GLU A 283 4.77 -5.64 -11.32
CA GLU A 283 4.00 -5.08 -10.22
C GLU A 283 2.53 -4.97 -10.59
N MET A 284 2.25 -4.60 -11.85
CA MET A 284 0.86 -4.60 -12.31
C MET A 284 0.29 -6.02 -12.34
N GLY A 285 1.08 -6.98 -12.81
CA GLY A 285 0.63 -8.37 -12.77
C GLY A 285 0.35 -8.85 -11.35
N GLN A 286 1.20 -8.47 -10.40
CA GLN A 286 0.99 -8.84 -9.02
C GLN A 286 -0.29 -8.24 -8.46
N ALA A 287 -0.54 -6.97 -8.76
CA ALA A 287 -1.75 -6.31 -8.27
C ALA A 287 -3.00 -7.02 -8.79
N ILE A 288 -3.00 -7.40 -10.07
CA ILE A 288 -4.16 -8.07 -10.64
C ILE A 288 -4.34 -9.45 -10.01
N ARG A 289 -3.25 -10.21 -9.87
CA ARG A 289 -3.36 -11.56 -9.32
C ARG A 289 -3.66 -11.54 -7.82
N ASP A 290 -2.92 -10.71 -7.07
CA ASP A 290 -3.00 -10.77 -5.61
C ASP A 290 -4.16 -9.95 -5.04
N THR A 291 -4.51 -8.83 -5.67
CA THR A 291 -5.47 -7.90 -5.10
C THR A 291 -6.78 -7.83 -5.86
N ILE A 292 -6.75 -7.60 -7.18
CA ILE A 292 -7.97 -7.30 -7.91
C ILE A 292 -8.81 -8.56 -8.09
N ILE A 293 -8.20 -9.64 -8.56
CA ILE A 293 -8.97 -10.87 -8.80
C ILE A 293 -9.65 -11.38 -7.53
N PRO A 294 -8.98 -11.51 -6.38
CA PRO A 294 -9.69 -12.03 -5.19
C PRO A 294 -10.74 -11.08 -4.63
N ARG A 295 -10.65 -9.78 -4.91
CA ARG A 295 -11.57 -8.80 -4.33
C ARG A 295 -12.16 -7.91 -5.41
N ALA A 296 -12.59 -8.51 -6.53
CA ALA A 296 -13.02 -7.74 -7.69
C ALA A 296 -14.21 -6.85 -7.38
N VAL A 297 -15.21 -7.38 -6.68
CA VAL A 297 -16.43 -6.60 -6.45
C VAL A 297 -16.15 -5.40 -5.55
N LEU A 298 -15.15 -5.48 -4.68
CA LEU A 298 -14.83 -4.34 -3.85
C LEU A 298 -14.20 -3.21 -4.66
N PHE A 299 -13.58 -3.54 -5.79
CA PHE A 299 -13.14 -2.51 -6.72
C PHE A 299 -14.26 -2.08 -7.66
N TYR A 300 -15.19 -2.99 -7.98
CA TYR A 300 -16.35 -2.60 -8.76
C TYR A 300 -17.17 -1.54 -8.04
N THR A 301 -17.44 -1.77 -6.75
CA THR A 301 -18.16 -0.78 -5.96
C THR A 301 -17.29 0.43 -5.58
N GLY A 302 -15.97 0.25 -5.53
CA GLY A 302 -15.12 1.30 -5.02
C GLY A 302 -15.02 1.34 -3.51
N GLU A 303 -15.37 0.25 -2.84
CA GLU A 303 -15.22 0.17 -1.39
C GLU A 303 -13.77 0.07 -0.97
N LEU A 304 -12.89 -0.41 -1.84
CA LEU A 304 -11.45 -0.43 -1.59
C LEU A 304 -10.83 0.82 -2.19
N GLN A 305 -10.21 1.65 -1.35
CA GLN A 305 -9.69 2.94 -1.77
C GLN A 305 -8.23 3.10 -1.35
N SER A 306 -7.51 3.93 -2.11
CA SER A 306 -6.15 4.31 -1.80
C SER A 306 -6.09 5.80 -1.47
N ASP A 307 -5.03 6.20 -0.77
CA ASP A 307 -4.79 7.61 -0.49
C ASP A 307 -3.39 8.07 -0.87
N ASP A 308 -2.53 7.16 -1.32
CA ASP A 308 -1.14 7.40 -1.76
C ASP A 308 -0.60 8.83 -1.60
N PHE B 18 -10.35 -0.13 3.22
CA PHE B 18 -11.78 -0.38 3.04
C PHE B 18 -12.62 0.79 3.54
N GLN B 19 -13.58 1.21 2.71
CA GLN B 19 -14.43 2.36 3.02
C GLN B 19 -15.68 1.85 3.74
N HIS B 20 -15.70 1.97 5.06
CA HIS B 20 -16.83 1.50 5.84
C HIS B 20 -18.08 2.34 5.58
N MET B 21 -17.92 3.60 5.20
CA MET B 21 -19.05 4.47 4.89
C MET B 21 -19.41 4.25 3.43
N GLY B 22 -20.45 3.45 3.18
CA GLY B 22 -20.80 3.07 1.83
C GLY B 22 -21.10 4.23 0.91
N LEU B 23 -21.59 5.35 1.46
CA LEU B 23 -21.89 6.50 0.62
C LEU B 23 -20.63 7.16 0.08
N LEU B 24 -19.48 6.88 0.69
CA LEU B 24 -18.20 7.41 0.23
C LEU B 24 -17.48 6.48 -0.74
N SER B 25 -18.11 5.36 -1.13
CA SER B 25 -17.50 4.46 -2.10
C SER B 25 -17.24 5.20 -3.41
N THR B 26 -16.12 4.87 -4.05
CA THR B 26 -15.69 5.61 -5.24
C THR B 26 -16.73 5.55 -6.36
N ASN B 27 -17.39 4.42 -6.53
CA ASN B 27 -18.37 4.25 -7.60
C ASN B 27 -19.80 4.21 -7.07
N PHE B 28 -20.10 4.98 -6.02
CA PHE B 28 -21.42 4.94 -5.42
C PHE B 28 -22.50 5.37 -6.41
N ASP B 29 -22.26 6.45 -7.15
CA ASP B 29 -23.27 6.95 -8.07
C ASP B 29 -23.58 5.95 -9.17
N MET B 30 -22.56 5.25 -9.65
CA MET B 30 -22.80 4.18 -10.62
C MET B 30 -23.61 3.06 -10.01
N ILE B 31 -23.28 2.68 -8.77
CA ILE B 31 -24.05 1.66 -8.06
C ILE B 31 -25.49 2.10 -7.90
N GLN B 32 -25.68 3.35 -7.47
CA GLN B 32 -27.03 3.89 -7.24
C GLN B 32 -27.87 3.84 -8.51
N ALA B 33 -27.25 4.10 -9.67
CA ALA B 33 -27.97 4.09 -10.93
C ALA B 33 -28.28 2.70 -11.44
N LEU B 34 -27.70 1.66 -10.84
CA LEU B 34 -27.91 0.30 -11.34
C LEU B 34 -29.38 -0.10 -11.15
N PRO B 35 -30.00 -0.72 -12.16
CA PRO B 35 -31.33 -1.26 -11.97
C PRO B 35 -31.35 -2.28 -10.83
N LEU B 36 -32.54 -2.45 -10.23
CA LEU B 36 -32.65 -3.26 -9.03
C LEU B 36 -32.16 -4.69 -9.24
N ASN B 37 -32.52 -5.29 -10.38
CA ASN B 37 -32.10 -6.66 -10.64
C ASN B 37 -30.58 -6.76 -10.78
N VAL B 38 -29.93 -5.71 -11.28
CA VAL B 38 -28.47 -5.71 -11.34
C VAL B 38 -27.88 -5.49 -9.96
N LYS B 39 -28.52 -4.63 -9.15
CA LYS B 39 -28.08 -4.42 -7.77
C LYS B 39 -28.08 -5.74 -7.00
N GLN B 40 -29.13 -6.55 -7.18
CA GLN B 40 -29.22 -7.82 -6.45
C GLN B 40 -28.13 -8.79 -6.89
N ARG B 41 -27.66 -8.68 -8.13
CA ARG B 41 -26.53 -9.49 -8.56
C ARG B 41 -25.24 -9.04 -7.87
N VAL B 42 -25.08 -7.72 -7.68
CA VAL B 42 -23.95 -7.22 -6.91
C VAL B 42 -24.02 -7.70 -5.48
N CYS B 43 -25.23 -7.77 -4.92
CA CYS B 43 -25.38 -8.26 -3.54
C CYS B 43 -24.96 -9.73 -3.44
N ALA B 44 -25.21 -10.51 -4.50
CA ALA B 44 -24.70 -11.88 -4.53
C ALA B 44 -23.18 -11.89 -4.54
N LEU B 45 -22.57 -10.94 -5.27
CA LEU B 45 -21.12 -10.86 -5.30
C LEU B 45 -20.55 -10.43 -3.95
N LYS B 46 -21.25 -9.54 -3.24
CA LYS B 46 -20.82 -9.17 -1.89
C LYS B 46 -20.87 -10.38 -0.96
N ASN B 47 -21.92 -11.18 -1.06
CA ASN B 47 -22.01 -12.40 -0.28
C ASN B 47 -20.90 -13.39 -0.67
N LEU B 48 -20.68 -13.56 -1.97
CA LEU B 48 -19.58 -14.42 -2.41
C LEU B 48 -18.23 -13.89 -1.97
N GLN B 49 -18.07 -12.57 -1.93
CA GLN B 49 -16.81 -11.98 -1.49
C GLN B 49 -16.50 -12.36 -0.05
N MET B 50 -17.53 -12.42 0.81
CA MET B 50 -17.32 -12.84 2.19
C MET B 50 -16.85 -14.28 2.27
N LYS B 51 -17.36 -15.14 1.38
CA LYS B 51 -16.89 -16.53 1.37
C LYS B 51 -15.45 -16.61 0.88
N THR B 52 -15.09 -15.79 -0.11
CA THR B 52 -13.70 -15.73 -0.57
C THR B 52 -12.77 -15.32 0.55
N ILE B 53 -13.17 -14.29 1.32
CA ILE B 53 -12.33 -13.80 2.41
C ILE B 53 -12.15 -14.87 3.47
N GLN B 54 -13.21 -15.63 3.75
CA GLN B 54 -13.11 -16.72 4.73
C GLN B 54 -12.07 -17.75 4.31
N ILE B 55 -12.05 -18.11 3.03
CA ILE B 55 -11.03 -19.03 2.54
C ILE B 55 -9.65 -18.40 2.63
N GLU B 56 -9.55 -17.10 2.34
CA GLU B 56 -8.29 -16.40 2.49
C GLU B 56 -7.77 -16.47 3.92
N SER B 57 -8.68 -16.37 4.90
CA SER B 57 -8.29 -16.51 6.29
C SER B 57 -7.68 -17.87 6.55
N ASP B 58 -8.23 -18.93 5.93
CA ASP B 58 -7.65 -20.25 6.06
C ASP B 58 -6.26 -20.31 5.43
N PHE B 59 -6.04 -19.55 4.35
CA PHE B 59 -4.72 -19.49 3.73
C PHE B 59 -3.69 -18.93 4.71
N TYR B 60 -4.04 -17.83 5.38
CA TYR B 60 -3.11 -17.22 6.33
C TYR B 60 -2.83 -18.13 7.52
N LYS B 61 -3.82 -18.92 7.93
CA LYS B 61 -3.56 -19.90 8.99
C LYS B 61 -2.54 -20.94 8.54
N ARG B 62 -2.63 -21.38 7.28
CA ARG B 62 -1.67 -22.33 6.75
C ARG B 62 -0.28 -21.70 6.64
N VAL B 63 -0.21 -20.42 6.27
CA VAL B 63 1.07 -19.72 6.22
C VAL B 63 1.68 -19.65 7.62
N HIS B 64 0.85 -19.40 8.63
CA HIS B 64 1.33 -19.36 10.01
C HIS B 64 1.93 -20.70 10.43
N GLU B 65 1.27 -21.80 10.07
CA GLU B 65 1.80 -23.12 10.37
C GLU B 65 3.12 -23.36 9.65
N LEU B 66 3.26 -22.84 8.43
CA LEU B 66 4.52 -22.96 7.70
C LEU B 66 5.64 -22.22 8.42
N GLU B 67 5.35 -21.03 8.95
CA GLU B 67 6.36 -20.27 9.68
C GLU B 67 6.82 -21.01 10.93
N ILE B 68 5.89 -21.63 11.65
CA ILE B 68 6.25 -22.43 12.81
C ILE B 68 7.12 -23.61 12.40
N GLU B 69 6.75 -24.28 11.30
CA GLU B 69 7.50 -25.45 10.85
C GLU B 69 8.92 -25.09 10.46
N PHE B 70 9.13 -23.90 9.89
CA PHE B 70 10.45 -23.48 9.44
C PHE B 70 11.33 -22.93 10.55
N GLU B 71 10.81 -22.82 11.78
CA GLU B 71 11.59 -22.29 12.88
C GLU B 71 12.83 -23.14 13.17
N GLY B 72 12.69 -24.47 13.10
CA GLY B 72 13.83 -25.33 13.41
C GLY B 72 15.00 -25.13 12.47
N LYS B 73 14.74 -24.80 11.20
CA LYS B 73 15.82 -24.55 10.27
C LYS B 73 16.40 -23.14 10.44
N PHE B 74 15.54 -22.15 10.70
CA PHE B 74 16.05 -20.80 10.91
C PHE B 74 16.82 -20.69 12.22
N LYS B 75 16.43 -21.46 13.24
CA LYS B 75 16.98 -21.24 14.57
C LYS B 75 18.46 -21.57 14.63
N SER B 76 18.91 -22.54 13.84
CA SER B 76 20.30 -22.96 13.92
C SER B 76 21.22 -21.93 13.28
N THR B 77 20.76 -21.24 12.22
CA THR B 77 21.52 -20.13 11.68
C THR B 77 21.51 -18.96 12.65
N PHE B 78 20.39 -18.75 13.35
CA PHE B 78 20.32 -17.70 14.36
C PHE B 78 21.14 -18.06 15.60
N ASP B 79 21.15 -19.34 15.98
CA ASP B 79 21.95 -19.76 17.13
C ASP B 79 23.43 -19.54 16.86
N GLN B 80 23.90 -19.90 15.66
CA GLN B 80 25.29 -19.67 15.31
C GLN B 80 25.64 -18.19 15.30
N ARG B 81 24.70 -17.36 14.83
CA ARG B 81 24.91 -15.92 14.84
C ARG B 81 25.06 -15.40 16.27
N LYS B 82 24.21 -15.89 17.19
CA LYS B 82 24.31 -15.48 18.59
C LYS B 82 25.66 -15.86 19.19
N ALA B 83 26.15 -17.07 18.87
CA ALA B 83 27.43 -17.49 19.41
C ALA B 83 28.57 -16.63 18.87
N ILE B 84 28.47 -16.22 17.60
CA ILE B 84 29.49 -15.34 17.02
C ILE B 84 29.44 -13.97 17.68
N VAL B 85 28.24 -13.42 17.86
CA VAL B 85 28.10 -12.09 18.45
C VAL B 85 28.63 -12.08 19.88
N ALA B 86 28.39 -13.15 20.62
CA ALA B 86 28.83 -13.22 22.01
C ALA B 86 30.29 -13.62 22.15
N GLY B 87 30.96 -13.98 21.06
CA GLY B 87 32.34 -14.40 21.15
C GLY B 87 32.53 -15.79 21.70
N GLU B 88 31.51 -16.64 21.63
CA GLU B 88 31.58 -17.98 22.19
C GLU B 88 32.16 -19.00 21.22
N VAL B 89 32.31 -18.65 19.95
CA VAL B 89 32.94 -19.50 18.96
C VAL B 89 33.69 -18.61 17.97
N GLU B 90 34.76 -19.17 17.38
CA GLU B 90 35.61 -18.44 16.47
C GLU B 90 35.16 -18.65 15.02
N PRO B 91 35.28 -17.62 14.18
CA PRO B 91 34.95 -17.78 12.77
C PRO B 91 35.80 -18.85 12.11
N THR B 92 35.20 -19.61 11.21
CA THR B 92 35.90 -20.63 10.44
C THR B 92 36.62 -20.01 9.25
N LYS B 93 37.39 -20.86 8.54
CA LYS B 93 38.08 -20.40 7.34
C LYS B 93 37.09 -19.94 6.27
N GLU B 94 36.00 -20.67 6.10
CA GLU B 94 34.97 -20.25 5.14
C GLU B 94 34.39 -18.90 5.52
N GLN B 95 34.20 -18.69 6.82
CA GLN B 95 33.57 -17.46 7.27
C GLN B 95 34.51 -16.27 7.13
N ILE B 96 35.80 -16.47 7.39
CA ILE B 96 36.77 -15.39 7.17
C ILE B 96 36.86 -15.06 5.69
N ASP B 97 36.75 -16.06 4.82
CA ASP B 97 36.83 -15.87 3.38
C ASP B 97 35.56 -15.27 2.78
N THR B 98 34.53 -15.04 3.59
CA THR B 98 33.33 -14.36 3.11
C THR B 98 33.53 -12.86 3.20
N PRO B 99 33.31 -12.11 2.12
CA PRO B 99 33.55 -10.66 2.17
C PRO B 99 32.65 -9.98 3.18
N ILE B 100 33.24 -9.04 3.95
CA ILE B 100 32.47 -8.33 4.97
C ILE B 100 31.37 -7.49 4.33
N LEU B 101 31.65 -6.93 3.15
CA LEU B 101 30.67 -6.22 2.36
C LEU B 101 30.81 -6.65 0.90
N GLU B 102 29.76 -6.40 0.13
CA GLU B 102 29.76 -6.70 -1.29
C GLU B 102 30.13 -5.45 -2.09
N GLY B 103 30.45 -5.65 -3.37
CA GLY B 103 30.72 -4.53 -4.25
C GLY B 103 31.99 -3.77 -3.94
N LEU B 104 33.03 -4.45 -3.48
CA LEU B 104 34.32 -3.85 -3.18
C LEU B 104 35.30 -4.10 -4.32
N GLU B 105 35.96 -3.03 -4.78
CA GLU B 105 36.83 -3.09 -5.95
C GLU B 105 38.28 -2.86 -5.56
N GLY B 106 39.17 -3.45 -6.36
CA GLY B 106 40.60 -3.24 -6.19
C GLY B 106 41.10 -3.70 -4.83
N ASP B 107 41.77 -2.80 -4.12
CA ASP B 107 42.32 -3.04 -2.80
C ASP B 107 41.39 -2.61 -1.67
N GLN B 108 40.14 -2.24 -1.98
CA GLN B 108 39.25 -1.71 -0.95
C GLN B 108 38.97 -2.74 0.14
N LEU B 109 38.74 -4.00 -0.23
CA LEU B 109 38.52 -5.01 0.80
C LEU B 109 39.81 -5.30 1.56
N ALA B 110 40.94 -5.37 0.85
CA ALA B 110 42.22 -5.55 1.52
C ALA B 110 42.52 -4.40 2.47
N GLU B 111 42.35 -3.17 1.98
CA GLU B 111 42.58 -2.01 2.84
C GLU B 111 41.62 -1.97 4.01
N LEU B 112 40.38 -2.46 3.82
CA LEU B 112 39.42 -2.54 4.93
C LEU B 112 39.95 -3.43 6.05
N TYR B 113 40.42 -4.63 5.70
CA TYR B 113 40.96 -5.54 6.70
C TYR B 113 42.26 -5.03 7.28
N LYS B 114 42.98 -4.18 6.55
CA LYS B 114 44.22 -3.56 7.00
C LYS B 114 43.98 -2.22 7.67
N ALA B 115 42.73 -1.76 7.75
CA ALA B 115 42.40 -0.44 8.27
C ALA B 115 42.39 -0.35 9.78
N ALA B 116 42.28 -1.48 10.48
CA ALA B 116 42.19 -1.47 11.94
C ALA B 116 42.80 -2.76 12.48
N GLU B 117 43.82 -2.61 13.32
CA GLU B 117 44.52 -3.76 13.87
C GLU B 117 43.60 -4.58 14.77
N ALA B 118 43.87 -5.89 14.82
CA ALA B 118 43.13 -6.77 15.71
C ALA B 118 43.30 -6.33 17.16
N ASP B 119 42.21 -6.43 17.93
CA ASP B 119 42.22 -6.09 19.35
C ASP B 119 41.74 -7.30 20.13
N PRO B 120 42.66 -8.06 20.75
CA PRO B 120 42.24 -9.24 21.50
C PRO B 120 41.33 -8.93 22.69
N SER B 121 41.33 -7.68 23.16
CA SER B 121 40.43 -7.30 24.25
C SER B 121 39.01 -7.05 23.78
N ALA B 122 38.80 -6.85 22.48
CA ALA B 122 37.46 -6.68 21.92
C ALA B 122 36.90 -8.06 21.62
N LYS B 123 35.91 -8.48 22.39
CA LYS B 123 35.35 -9.82 22.29
C LYS B 123 33.97 -9.76 21.67
N GLY B 124 33.67 -10.77 20.84
CA GLY B 124 32.44 -10.80 20.08
C GLY B 124 32.27 -9.55 19.22
N ILE B 125 31.02 -9.12 19.08
CA ILE B 125 30.67 -7.95 18.29
C ILE B 125 29.88 -7.01 19.19
N LYS B 126 30.52 -5.92 19.63
CA LYS B 126 29.87 -4.98 20.54
C LYS B 126 28.78 -4.20 19.83
N ASP B 127 27.67 -3.99 20.55
CA ASP B 127 26.54 -3.16 20.09
C ASP B 127 25.91 -3.69 18.82
N PHE B 128 25.95 -5.01 18.61
CA PHE B 128 25.42 -5.57 17.37
C PHE B 128 23.93 -5.31 17.23
N TRP B 129 23.15 -5.71 18.24
CA TRP B 129 21.70 -5.56 18.14
C TRP B 129 21.27 -4.11 18.30
N LEU B 130 21.97 -3.34 19.12
CA LEU B 130 21.69 -1.90 19.22
C LEU B 130 21.84 -1.23 17.86
N THR B 131 22.95 -1.51 17.17
CA THR B 131 23.17 -0.90 15.85
C THR B 131 22.14 -1.39 14.83
N ALA B 132 21.87 -2.71 14.82
CA ALA B 132 20.91 -3.25 13.87
C ALA B 132 19.53 -2.64 14.08
N LEU B 133 19.09 -2.57 15.34
CA LEU B 133 17.76 -2.03 15.62
C LEU B 133 17.68 -0.55 15.26
N ARG B 134 18.72 0.23 15.55
CA ARG B 134 18.68 1.66 15.32
C ARG B 134 18.95 2.05 13.88
N THR B 135 19.35 1.11 13.02
CA THR B 135 19.46 1.39 11.60
C THR B 135 18.14 1.19 10.88
N HIS B 136 17.22 0.42 11.45
CA HIS B 136 15.86 0.36 10.94
C HIS B 136 15.13 1.65 11.30
N ASP B 137 14.50 2.28 10.30
CA ASP B 137 13.99 3.63 10.49
C ASP B 137 12.86 3.68 11.52
N LEU B 138 11.98 2.69 11.52
CA LEU B 138 10.85 2.72 12.44
C LEU B 138 11.29 2.47 13.88
N VAL B 139 12.19 1.51 14.09
CA VAL B 139 12.65 1.21 15.44
C VAL B 139 13.55 2.33 15.98
N ALA B 140 14.32 2.97 15.10
CA ALA B 140 15.18 4.07 15.53
C ALA B 140 14.37 5.18 16.19
N GLU B 141 13.15 5.43 15.70
CA GLU B 141 12.31 6.48 16.27
C GLU B 141 11.91 6.17 17.70
N ALA B 142 11.85 4.88 18.07
CA ALA B 142 11.48 4.47 19.41
C ALA B 142 12.65 4.45 20.38
N ILE B 143 13.88 4.55 19.89
CA ILE B 143 15.07 4.47 20.74
C ILE B 143 15.48 5.88 21.13
N GLU B 144 15.40 6.18 22.43
CA GLU B 144 15.88 7.45 22.95
C GLU B 144 17.34 7.31 23.38
N GLU B 145 17.97 8.45 23.66
CA GLU B 145 19.39 8.45 23.98
C GLU B 145 19.68 7.72 25.28
N HIS B 146 18.79 7.81 26.27
CA HIS B 146 19.01 7.08 27.52
C HIS B 146 18.71 5.59 27.38
N ASP B 147 18.11 5.16 26.27
CA ASP B 147 17.96 3.75 25.98
C ASP B 147 19.22 3.14 25.38
N VAL B 148 20.08 3.98 24.80
CA VAL B 148 21.23 3.46 24.05
C VAL B 148 22.17 2.62 24.92
N PRO B 149 22.62 3.07 26.09
CA PRO B 149 23.52 2.22 26.88
C PRO B 149 22.85 0.96 27.43
N ILE B 150 21.53 0.95 27.55
CA ILE B 150 20.84 -0.27 27.99
C ILE B 150 20.82 -1.30 26.86
N LEU B 151 20.47 -0.86 25.65
CA LEU B 151 20.42 -1.78 24.51
C LEU B 151 21.80 -2.31 24.15
N SER B 152 22.87 -1.67 24.64
CA SER B 152 24.21 -2.18 24.43
C SER B 152 24.39 -3.57 25.06
N TYR B 153 23.63 -3.86 26.11
CA TYR B 153 23.72 -5.15 26.78
C TYR B 153 22.89 -6.23 26.11
N LEU B 154 22.21 -5.91 25.01
CA LEU B 154 21.40 -6.89 24.29
C LEU B 154 22.31 -7.92 23.63
N THR B 155 22.16 -9.19 24.01
CA THR B 155 22.96 -10.25 23.43
C THR B 155 22.27 -11.01 22.32
N ASP B 156 20.94 -11.02 22.29
CA ASP B 156 20.20 -11.71 21.24
C ASP B 156 18.77 -11.19 21.22
N VAL B 157 18.15 -11.31 20.05
CA VAL B 157 16.73 -11.03 19.87
C VAL B 157 16.15 -12.20 19.08
N THR B 158 15.19 -12.91 19.66
CA THR B 158 14.62 -14.09 19.06
C THR B 158 13.12 -13.92 18.89
N THR B 159 12.54 -14.77 18.05
CA THR B 159 11.10 -14.75 17.83
C THR B 159 10.62 -16.16 17.54
N ALA B 160 9.42 -16.47 18.02
CA ALA B 160 8.80 -17.77 17.81
C ALA B 160 7.30 -17.55 17.72
N ALA B 161 6.64 -18.39 16.92
CA ALA B 161 5.21 -18.29 16.69
C ALA B 161 4.49 -19.47 17.32
N SER B 162 3.21 -19.26 17.61
CA SER B 162 2.37 -20.27 18.26
C SER B 162 1.06 -20.40 17.51
N LYS B 163 0.50 -21.61 17.55
CA LYS B 163 -0.77 -21.91 16.92
C LYS B 163 -1.95 -21.72 17.88
N ASP B 164 -1.75 -22.05 19.15
CA ASP B 164 -2.78 -21.93 20.17
C ASP B 164 -2.11 -21.59 21.50
N PRO B 165 -2.25 -20.34 21.99
CA PRO B 165 -2.98 -19.26 21.34
C PRO B 165 -2.26 -18.69 20.11
N ALA B 166 -3.04 -18.27 19.11
CA ALA B 166 -2.47 -17.82 17.85
C ALA B 166 -1.72 -16.50 18.05
N GLY B 167 -0.47 -16.47 17.61
CA GLY B 167 0.32 -15.25 17.66
C GLY B 167 1.79 -15.58 17.59
N PHE B 168 2.59 -14.66 18.13
CA PHE B 168 4.03 -14.85 18.21
C PHE B 168 4.57 -14.05 19.38
N LYS B 169 5.82 -14.35 19.74
CA LYS B 169 6.51 -13.62 20.78
C LYS B 169 7.86 -13.15 20.26
N ILE B 170 8.38 -12.11 20.88
CA ILE B 170 9.75 -11.66 20.68
C ILE B 170 10.43 -11.62 22.04
N GLU B 171 11.63 -12.18 22.12
CA GLU B 171 12.37 -12.25 23.37
C GLU B 171 13.66 -11.47 23.21
N PHE B 172 13.94 -10.58 24.17
CA PHE B 172 15.13 -9.75 24.16
C PHE B 172 16.02 -10.23 25.28
N HIS B 173 17.19 -10.77 24.92
CA HIS B 173 18.11 -11.35 25.88
C HIS B 173 19.17 -10.32 26.25
N PHE B 174 19.31 -10.06 27.55
CA PHE B 174 20.20 -9.02 28.05
C PHE B 174 21.26 -9.66 28.93
N ALA B 175 22.52 -9.32 28.68
CA ALA B 175 23.57 -9.66 29.63
C ALA B 175 23.34 -8.92 30.94
N THR B 176 23.99 -9.42 32.00
CA THR B 176 23.92 -8.75 33.29
C THR B 176 24.28 -7.28 33.15
N ASN B 177 23.40 -6.41 33.61
CA ASN B 177 23.47 -4.99 33.35
C ASN B 177 23.00 -4.23 34.58
N PRO B 178 23.44 -2.98 34.75
CA PRO B 178 23.05 -2.22 35.95
C PRO B 178 21.67 -1.60 35.88
N TYR B 179 20.91 -1.82 34.80
CA TYR B 179 19.62 -1.17 34.65
C TYR B 179 18.47 -2.02 35.17
N PHE B 180 18.46 -3.33 34.87
CA PHE B 180 17.42 -4.20 35.37
C PHE B 180 17.96 -5.61 35.52
N LYS B 181 17.29 -6.40 36.35
CA LYS B 181 17.73 -7.75 36.67
C LYS B 181 17.27 -8.79 35.65
N ASN B 182 16.30 -8.47 34.80
CA ASN B 182 15.75 -9.46 33.89
C ASN B 182 16.81 -9.92 32.88
N GLN B 183 16.91 -11.24 32.72
CA GLN B 183 17.74 -11.80 31.65
C GLN B 183 17.02 -11.73 30.30
N VAL B 184 15.72 -11.98 30.29
CA VAL B 184 14.92 -12.02 29.07
C VAL B 184 13.72 -11.11 29.24
N LEU B 185 13.54 -10.17 28.31
CA LEU B 185 12.31 -9.38 28.21
C LEU B 185 11.49 -9.92 27.06
N THR B 186 10.23 -10.23 27.32
CA THR B 186 9.37 -10.93 26.37
C THR B 186 8.19 -10.04 25.97
N LYS B 187 7.95 -9.95 24.67
CA LYS B 187 6.78 -9.28 24.12
C LYS B 187 5.96 -10.30 23.35
N THR B 188 4.68 -10.40 23.68
CA THR B 188 3.78 -11.41 23.10
C THR B 188 2.59 -10.72 22.44
N TYR B 189 2.25 -11.17 21.24
CA TYR B 189 1.10 -10.69 20.49
C TYR B 189 0.12 -11.84 20.29
N LEU B 190 -1.13 -11.63 20.71
CA LEU B 190 -2.21 -12.56 20.40
C LEU B 190 -2.89 -12.08 19.13
N LEU B 191 -2.93 -12.94 18.11
CA LEU B 191 -3.42 -12.57 16.79
C LEU B 191 -4.74 -13.25 16.49
N GLY B 192 -5.59 -12.53 15.76
CA GLY B 192 -6.83 -13.10 15.24
C GLY B 192 -6.67 -13.40 13.77
N PHE B 193 -6.95 -14.65 13.40
CA PHE B 193 -6.82 -15.11 12.03
C PHE B 193 -8.16 -15.25 11.31
N ASP B 194 -9.27 -14.99 12.00
CA ASP B 194 -10.58 -15.07 11.39
C ASP B 194 -11.11 -13.67 11.05
N PRO B 195 -11.96 -13.56 10.04
CA PRO B 195 -12.57 -12.26 9.74
C PRO B 195 -13.53 -11.83 10.83
N ASP B 196 -13.61 -10.52 11.03
CA ASP B 196 -14.60 -9.95 11.93
C ASP B 196 -16.00 -10.29 11.42
N ALA B 197 -16.76 -11.04 12.22
CA ALA B 197 -18.11 -11.42 11.82
C ALA B 197 -19.02 -10.21 11.65
N GLU B 198 -18.69 -9.08 12.28
CA GLU B 198 -19.46 -7.86 12.13
C GLU B 198 -19.01 -7.01 10.94
N ALA B 199 -17.81 -7.28 10.41
CA ALA B 199 -17.29 -6.55 9.25
C ALA B 199 -16.41 -7.48 8.44
N PRO B 200 -16.98 -8.50 7.80
CA PRO B 200 -16.16 -9.51 7.14
C PRO B 200 -15.38 -8.99 5.94
N LEU B 201 -15.88 -7.96 5.26
CA LEU B 201 -15.24 -7.47 4.04
C LEU B 201 -13.93 -6.74 4.30
N GLN B 202 -13.65 -6.35 5.55
CA GLN B 202 -12.45 -5.58 5.85
C GLN B 202 -11.21 -6.44 6.05
N PHE B 203 -11.39 -7.75 6.26
CA PHE B 203 -10.27 -8.64 6.56
C PHE B 203 -9.19 -8.56 5.50
N ASP B 204 -7.94 -8.36 5.94
CA ASP B 204 -6.80 -8.31 5.04
C ASP B 204 -5.59 -9.02 5.64
N GLY B 205 -5.83 -10.06 6.44
CA GLY B 205 -4.76 -10.81 7.06
C GLY B 205 -4.91 -10.87 8.56
N PRO B 206 -3.96 -11.50 9.24
CA PRO B 206 -4.03 -11.59 10.70
C PRO B 206 -3.97 -10.22 11.34
N HIS B 207 -4.74 -10.04 12.41
CA HIS B 207 -4.86 -8.76 13.10
C HIS B 207 -4.61 -8.97 14.59
N VAL B 208 -4.06 -7.95 15.23
CA VAL B 208 -3.67 -8.04 16.64
C VAL B 208 -4.91 -7.94 17.51
N ILE B 209 -5.05 -8.88 18.44
CA ILE B 209 -6.09 -8.79 19.47
C ILE B 209 -5.54 -8.15 20.73
N ARG B 210 -4.35 -8.56 21.17
CA ARG B 210 -3.79 -8.08 22.41
C ARG B 210 -2.27 -8.21 22.36
N ALA B 211 -1.59 -7.24 22.94
CA ALA B 211 -0.15 -7.30 23.15
C ALA B 211 0.13 -7.39 24.64
N VAL B 212 0.97 -8.34 25.03
CA VAL B 212 1.33 -8.57 26.43
C VAL B 212 2.82 -8.34 26.58
N GLY B 213 3.19 -7.44 27.49
CA GLY B 213 4.59 -7.12 27.71
C GLY B 213 5.24 -7.92 28.82
N ASP B 214 6.14 -7.29 29.56
CA ASP B 214 6.91 -7.97 30.60
C ASP B 214 7.30 -6.96 31.66
N THR B 215 7.22 -7.39 32.92
CA THR B 215 7.57 -6.53 34.05
C THR B 215 9.09 -6.40 34.13
N ILE B 216 9.58 -5.18 34.02
CA ILE B 216 11.01 -4.90 34.10
C ILE B 216 11.38 -4.60 35.53
N GLU B 217 12.35 -5.34 36.07
CA GLU B 217 12.80 -5.18 37.45
C GLU B 217 13.95 -4.19 37.49
N TRP B 218 13.62 -2.91 37.40
CA TRP B 218 14.62 -1.85 37.34
C TRP B 218 15.39 -1.76 38.65
N GLU B 219 16.69 -1.49 38.53
CA GLU B 219 17.48 -1.12 39.70
C GLU B 219 17.14 0.31 40.12
N ASP B 220 17.60 0.69 41.30
CA ASP B 220 17.27 1.98 41.88
C ASP B 220 17.70 3.12 40.96
N GLY B 221 16.74 3.98 40.60
CA GLY B 221 17.03 5.17 39.83
C GLY B 221 17.38 4.96 38.38
N LYS B 222 17.14 3.76 37.84
CA LYS B 222 17.52 3.44 36.46
C LYS B 222 16.34 3.36 35.51
N ASN B 223 15.12 3.59 35.99
CA ASN B 223 13.91 3.40 35.18
C ASN B 223 13.77 4.58 34.22
N VAL B 224 14.28 4.39 32.99
CA VAL B 224 14.20 5.44 31.98
C VAL B 224 12.80 5.62 31.42
N THR B 225 11.85 4.77 31.79
CA THR B 225 10.48 4.90 31.32
C THR B 225 9.65 5.84 32.19
N LYS B 226 10.20 6.27 33.32
CA LYS B 226 9.52 7.17 34.25
C LYS B 226 10.37 8.42 34.48
N LYS B 227 9.69 9.52 34.78
CA LYS B 227 10.34 10.79 35.10
C LYS B 227 9.51 11.49 36.15
N ALA B 228 10.16 12.38 36.91
CA ALA B 228 9.50 12.98 38.06
C ALA B 228 8.59 14.14 37.64
N VAL B 229 9.16 15.14 36.97
CA VAL B 229 8.44 16.29 36.39
C VAL B 229 7.04 16.58 36.95
N THR B 246 5.43 11.33 39.36
CA THR B 246 6.05 10.48 38.35
C THR B 246 5.10 10.26 37.17
N VAL B 247 5.59 10.54 35.96
CA VAL B 247 4.81 10.44 34.74
C VAL B 247 5.58 9.59 33.73
N LYS B 248 4.88 9.21 32.66
CA LYS B 248 5.47 8.39 31.62
C LYS B 248 6.52 9.18 30.85
N ALA B 249 7.69 8.57 30.66
CA ALA B 249 8.76 9.12 29.84
C ALA B 249 8.92 8.33 28.56
N ASP B 250 9.32 9.02 27.49
CA ASP B 250 9.56 8.37 26.21
C ASP B 250 10.74 7.42 26.31
N SER B 251 10.53 6.17 25.94
CA SER B 251 11.59 5.17 25.99
C SER B 251 11.21 3.97 25.16
N PHE B 252 12.22 3.35 24.53
CA PHE B 252 11.99 2.11 23.81
C PHE B 252 11.38 1.04 24.72
N PHE B 253 11.72 1.05 26.01
CA PHE B 253 11.28 0.00 26.91
C PHE B 253 9.82 0.13 27.32
N ASN B 254 9.13 1.19 26.89
CA ASN B 254 7.67 1.17 26.94
C ASN B 254 7.08 0.14 25.99
N PHE B 255 7.90 -0.42 25.09
CA PHE B 255 7.50 -1.57 24.28
C PHE B 255 7.01 -2.73 25.14
N PHE B 256 7.48 -2.82 26.38
CA PHE B 256 7.13 -3.92 27.28
C PHE B 256 6.01 -3.56 28.23
N GLU B 257 5.37 -2.40 28.03
CA GLU B 257 4.09 -2.06 28.65
C GLU B 257 3.18 -1.60 27.53
N PRO B 258 2.70 -2.53 26.70
CA PRO B 258 1.94 -2.16 25.51
C PRO B 258 0.56 -1.62 25.86
N PRO B 259 -0.07 -0.91 24.93
CA PRO B 259 -1.43 -0.43 25.16
C PRO B 259 -2.39 -1.58 25.42
N LYS B 260 -3.46 -1.28 26.17
CA LYS B 260 -4.47 -2.27 26.48
C LYS B 260 -5.47 -2.40 25.33
N SER B 261 -6.23 -3.49 25.35
CA SER B 261 -7.25 -3.71 24.35
C SER B 261 -8.61 -3.22 24.88
N LYS B 262 -9.69 -3.58 24.20
CA LYS B 262 -11.00 -3.04 24.52
C LYS B 262 -11.46 -3.47 25.90
N ASP B 263 -11.27 -4.74 26.25
CA ASP B 263 -11.78 -5.27 27.51
C ASP B 263 -10.95 -4.85 28.72
N GLU B 264 -9.76 -4.30 28.51
CA GLU B 264 -8.88 -3.94 29.61
C GLU B 264 -8.90 -2.44 29.92
N ARG B 265 -9.89 -1.71 29.41
CA ARG B 265 -10.00 -0.28 29.66
C ARG B 265 -11.14 0.01 30.62
N GLU B 272 -11.11 5.15 23.01
CA GLU B 272 -10.53 6.32 22.38
C GLU B 272 -9.56 5.92 21.27
N GLN B 273 -8.43 6.62 21.20
CA GLN B 273 -7.40 6.35 20.21
C GLN B 273 -6.34 5.38 20.73
N ALA B 274 -6.68 4.56 21.73
CA ALA B 274 -5.78 3.50 22.18
C ALA B 274 -5.69 2.37 21.18
N GLU B 275 -6.63 2.29 20.23
CA GLU B 275 -6.58 1.26 19.21
C GLU B 275 -5.49 1.55 18.18
N GLU B 276 -5.18 2.83 17.94
CA GLU B 276 -4.07 3.17 17.07
C GLU B 276 -2.73 2.89 17.75
N PHE B 277 -2.65 3.15 19.06
CA PHE B 277 -1.43 2.83 19.81
C PHE B 277 -1.15 1.34 19.77
N LEU B 278 -2.19 0.51 19.84
CA LEU B 278 -2.01 -0.93 19.73
C LEU B 278 -1.47 -1.32 18.35
N GLU B 279 -1.92 -0.62 17.31
CA GLU B 279 -1.49 -0.96 15.95
C GLU B 279 -0.04 -0.55 15.71
N LEU B 280 0.37 0.60 16.26
CA LEU B 280 1.77 1.01 16.13
C LEU B 280 2.69 0.05 16.86
N ASP B 281 2.31 -0.37 18.07
CA ASP B 281 3.09 -1.36 18.80
C ASP B 281 3.18 -2.67 18.03
N TYR B 282 2.06 -3.11 17.46
CA TYR B 282 2.07 -4.32 16.65
C TYR B 282 2.94 -4.16 15.41
N GLU B 283 2.88 -2.99 14.78
CA GLU B 283 3.69 -2.74 13.58
C GLU B 283 5.19 -2.76 13.92
N MET B 284 5.56 -2.22 15.07
CA MET B 284 6.95 -2.31 15.51
C MET B 284 7.35 -3.75 15.77
N GLY B 285 6.47 -4.52 16.42
CA GLY B 285 6.75 -5.93 16.62
C GLY B 285 6.92 -6.68 15.31
N GLN B 286 6.09 -6.35 14.32
CA GLN B 286 6.21 -7.00 13.00
C GLN B 286 7.54 -6.68 12.35
N ALA B 287 7.97 -5.42 12.42
CA ALA B 287 9.25 -5.03 11.82
C ALA B 287 10.40 -5.82 12.43
N ILE B 288 10.40 -5.97 13.76
CA ILE B 288 11.48 -6.69 14.41
C ILE B 288 11.47 -8.16 14.02
N ARG B 289 10.29 -8.79 14.05
CA ARG B 289 10.20 -10.22 13.77
C ARG B 289 10.41 -10.51 12.29
N ASP B 290 9.75 -9.76 11.41
CA ASP B 290 9.74 -10.10 9.99
C ASP B 290 10.97 -9.58 9.25
N THR B 291 11.50 -8.43 9.66
CA THR B 291 12.55 -7.76 8.91
C THR B 291 13.90 -7.78 9.62
N ILE B 292 13.96 -7.32 10.87
CA ILE B 292 15.25 -7.12 11.51
C ILE B 292 15.88 -8.45 11.92
N ILE B 293 15.11 -9.30 12.61
CA ILE B 293 15.67 -10.57 13.09
C ILE B 293 16.23 -11.43 11.97
N PRO B 294 15.50 -11.68 10.87
CA PRO B 294 16.07 -12.55 9.82
C PRO B 294 17.24 -11.93 9.08
N ARG B 295 17.40 -10.60 9.10
CA ARG B 295 18.46 -9.94 8.35
C ARG B 295 19.22 -8.96 9.24
N ALA B 296 19.56 -9.39 10.46
CA ALA B 296 20.15 -8.48 11.44
C ALA B 296 21.48 -7.91 10.97
N VAL B 297 22.35 -8.75 10.41
CA VAL B 297 23.69 -8.27 10.04
C VAL B 297 23.60 -7.26 8.90
N LEU B 298 22.56 -7.33 8.07
CA LEU B 298 22.42 -6.36 6.99
C LEU B 298 22.02 -4.99 7.52
N PHE B 299 21.37 -4.93 8.67
CA PHE B 299 21.12 -3.65 9.33
C PHE B 299 22.32 -3.21 10.14
N TYR B 300 23.09 -4.16 10.68
CA TYR B 300 24.32 -3.81 11.39
C TYR B 300 25.30 -3.10 10.46
N THR B 301 25.50 -3.65 9.26
CA THR B 301 26.36 -3.00 8.28
C THR B 301 25.70 -1.81 7.62
N GLY B 302 24.38 -1.76 7.58
CA GLY B 302 23.68 -0.75 6.82
C GLY B 302 23.55 -1.06 5.35
N GLU B 303 23.73 -2.32 4.95
CA GLU B 303 23.53 -2.71 3.56
C GLU B 303 22.07 -2.66 3.15
N LEU B 304 21.15 -2.77 4.10
CA LEU B 304 19.72 -2.62 3.83
C LEU B 304 19.32 -1.17 4.11
N GLN B 305 18.82 -0.49 3.09
CA GLN B 305 18.51 0.92 3.15
C GLN B 305 17.09 1.14 2.67
N SER B 306 16.48 2.26 3.07
CA SER B 306 15.14 2.57 2.64
C SER B 306 15.14 3.72 1.65
N ARG C 3 -13.89 14.00 -15.30
CA ARG C 3 -14.74 13.09 -16.06
C ARG C 3 -15.17 11.89 -15.21
N LYS C 4 -16.25 12.08 -14.45
CA LYS C 4 -16.89 11.08 -13.61
C LYS C 4 -16.04 10.67 -12.40
N GLU C 5 -15.00 11.45 -12.07
CA GLU C 5 -14.17 11.14 -10.92
C GLU C 5 -14.88 11.50 -9.62
N SER C 6 -14.70 10.66 -8.60
CA SER C 6 -15.36 10.84 -7.32
C SER C 6 -14.36 11.36 -6.28
N TYR C 7 -14.74 12.46 -5.62
CA TYR C 7 -13.97 13.02 -4.52
C TYR C 7 -14.74 12.97 -3.21
N SER C 8 -15.70 12.05 -3.09
CA SER C 8 -16.63 12.07 -1.97
C SER C 8 -15.93 11.89 -0.64
N VAL C 9 -14.94 10.98 -0.58
CA VAL C 9 -14.23 10.74 0.67
C VAL C 9 -13.47 12.00 1.09
N TYR C 10 -12.90 12.71 0.13
CA TYR C 10 -12.13 13.92 0.45
C TYR C 10 -13.04 15.10 0.75
N ILE C 11 -14.18 15.19 0.07
CA ILE C 11 -15.17 16.21 0.41
C ILE C 11 -15.69 16.00 1.83
N TYR C 12 -15.87 14.72 2.21
CA TYR C 12 -16.36 14.42 3.54
C TYR C 12 -15.36 14.80 4.61
N ARG C 13 -14.07 14.51 4.38
CA ARG C 13 -13.05 14.87 5.36
C ARG C 13 -12.89 16.38 5.48
N VAL C 14 -13.07 17.12 4.37
CA VAL C 14 -13.08 18.58 4.44
C VAL C 14 -14.28 19.07 5.25
N LEU C 15 -15.43 18.40 5.08
CA LEU C 15 -16.62 18.79 5.83
C LEU C 15 -16.41 18.64 7.33
N LYS C 16 -15.74 17.56 7.75
CA LYS C 16 -15.51 17.34 9.18
C LYS C 16 -14.53 18.35 9.75
N GLN C 17 -13.64 18.90 8.92
CA GLN C 17 -12.79 20.00 9.37
C GLN C 17 -13.58 21.28 9.46
N VAL C 18 -14.50 21.52 8.54
CA VAL C 18 -15.24 22.77 8.50
C VAL C 18 -16.45 22.72 9.45
N HIS C 19 -17.21 21.63 9.40
CA HIS C 19 -18.38 21.46 10.25
C HIS C 19 -18.30 20.07 10.88
N PRO C 20 -17.70 19.96 12.06
CA PRO C 20 -17.41 18.62 12.62
C PRO C 20 -18.65 17.79 12.89
N ASP C 21 -19.80 18.41 13.19
CA ASP C 21 -21.01 17.67 13.54
C ASP C 21 -22.10 17.85 12.49
N THR C 22 -21.72 18.01 11.23
CA THR C 22 -22.65 18.19 10.13
C THR C 22 -22.43 17.09 9.09
N GLY C 23 -23.52 16.54 8.57
CA GLY C 23 -23.46 15.55 7.52
C GLY C 23 -23.80 16.15 6.16
N VAL C 24 -23.78 15.28 5.15
CA VAL C 24 -24.10 15.65 3.78
C VAL C 24 -24.81 14.48 3.11
N SER C 25 -25.95 14.77 2.48
CA SER C 25 -26.71 13.74 1.80
C SER C 25 -25.97 13.29 0.53
N SER C 26 -26.33 12.10 0.06
CA SER C 26 -25.68 11.55 -1.13
C SER C 26 -25.94 12.40 -2.36
N LYS C 27 -27.17 12.92 -2.49
CA LYS C 27 -27.49 13.79 -3.61
C LYS C 27 -26.67 15.08 -3.55
N ALA C 28 -26.51 15.65 -2.35
CA ALA C 28 -25.67 16.83 -2.20
C ALA C 28 -24.20 16.50 -2.45
N MET C 29 -23.77 15.27 -2.15
CA MET C 29 -22.40 14.89 -2.44
C MET C 29 -22.17 14.80 -3.94
N SER C 30 -23.16 14.30 -4.69
CA SER C 30 -23.02 14.24 -6.14
C SER C 30 -22.88 15.63 -6.75
N ILE C 31 -23.60 16.61 -6.20
CA ILE C 31 -23.47 17.98 -6.69
C ILE C 31 -22.08 18.52 -6.37
N MET C 32 -21.58 18.25 -5.16
CA MET C 32 -20.23 18.68 -4.80
C MET C 32 -19.19 18.09 -5.75
N ASN C 33 -19.37 16.82 -6.12
CA ASN C 33 -18.46 16.20 -7.09
C ASN C 33 -18.56 16.89 -8.45
N SER C 34 -19.77 17.29 -8.84
CA SER C 34 -19.93 18.02 -10.09
C SER C 34 -19.22 19.37 -10.04
N PHE C 35 -19.26 20.04 -8.89
CA PHE C 35 -18.54 21.29 -8.72
C PHE C 35 -17.03 21.09 -8.90
N VAL C 36 -16.48 20.09 -8.22
CA VAL C 36 -15.03 19.88 -8.25
C VAL C 36 -14.59 19.41 -9.63
N ASN C 37 -15.35 18.52 -10.25
CA ASN C 37 -14.98 18.03 -11.58
C ASN C 37 -15.04 19.15 -12.61
N ASP C 38 -16.06 20.00 -12.54
CA ASP C 38 -16.21 21.08 -13.51
C ASP C 38 -15.10 22.11 -13.36
N VAL C 39 -14.79 22.50 -12.12
CA VAL C 39 -13.71 23.46 -11.90
C VAL C 39 -12.37 22.86 -12.29
N PHE C 40 -12.19 21.56 -12.07
CA PHE C 40 -10.95 20.90 -12.48
C PHE C 40 -10.79 20.94 -14.00
N GLU C 41 -11.86 20.61 -14.72
CA GLU C 41 -11.78 20.55 -16.18
C GLU C 41 -11.50 21.92 -16.78
N ARG C 42 -12.09 22.97 -16.21
CA ARG C 42 -11.84 24.31 -16.73
C ARG C 42 -10.43 24.78 -16.41
N ILE C 43 -9.94 24.48 -15.20
CA ILE C 43 -8.57 24.86 -14.83
C ILE C 43 -7.56 24.10 -15.68
N ALA C 44 -7.78 22.80 -15.87
CA ALA C 44 -6.83 22.00 -16.64
C ALA C 44 -6.83 22.40 -18.11
N ALA C 45 -8.02 22.67 -18.68
CA ALA C 45 -8.08 23.05 -20.08
C ALA C 45 -7.36 24.36 -20.33
N GLU C 46 -7.47 25.32 -19.40
CA GLU C 46 -6.75 26.57 -19.55
C GLU C 46 -5.25 26.38 -19.33
N ALA C 47 -4.87 25.56 -18.35
CA ALA C 47 -3.46 25.24 -18.17
C ALA C 47 -2.91 24.49 -19.37
N SER C 48 -3.73 23.66 -20.01
CA SER C 48 -3.30 22.96 -21.21
C SER C 48 -3.04 23.94 -22.36
N ARG C 49 -3.90 24.95 -22.49
CA ARG C 49 -3.73 25.94 -23.55
C ARG C 49 -2.46 26.76 -23.35
N LEU C 50 -2.18 27.15 -22.11
CA LEU C 50 -0.95 27.88 -21.82
C LEU C 50 0.30 27.03 -22.02
N ALA C 51 0.16 25.70 -22.01
CA ALA C 51 1.29 24.80 -22.13
C ALA C 51 1.31 24.07 -23.47
N HIS C 52 0.45 24.46 -24.41
CA HIS C 52 0.43 23.79 -25.71
C HIS C 52 1.76 23.91 -26.42
N TYR C 53 2.31 25.12 -26.49
CA TYR C 53 3.62 25.36 -27.05
C TYR C 53 4.55 26.00 -26.03
N ASN C 54 4.38 25.64 -24.77
CA ASN C 54 5.33 25.96 -23.72
C ASN C 54 6.69 25.35 -24.05
N LYS C 55 7.71 25.71 -23.28
CA LYS C 55 8.99 25.01 -23.39
C LYS C 55 8.86 23.66 -22.69
N ARG C 56 9.09 22.58 -23.45
CA ARG C 56 8.95 21.21 -22.99
C ARG C 56 7.49 20.83 -22.73
N SER C 57 6.55 21.70 -23.12
CA SER C 57 5.12 21.51 -22.89
C SER C 57 4.86 21.03 -21.46
N THR C 58 5.16 21.91 -20.52
CA THR C 58 5.15 21.58 -19.10
C THR C 58 4.02 22.32 -18.40
N ILE C 59 3.20 21.56 -17.66
CA ILE C 59 2.20 22.14 -16.77
C ILE C 59 2.78 22.08 -15.37
N SER C 60 3.14 23.25 -14.83
CA SER C 60 3.67 23.39 -13.50
C SER C 60 2.69 24.19 -12.64
N SER C 61 3.14 24.60 -11.46
CA SER C 61 2.29 25.44 -10.61
C SER C 61 2.07 26.82 -11.22
N ARG C 62 2.97 27.27 -12.10
CA ARG C 62 2.78 28.55 -12.79
C ARG C 62 1.53 28.51 -13.66
N GLU C 63 1.40 27.47 -14.49
CA GLU C 63 0.27 27.39 -15.40
C GLU C 63 -1.03 27.17 -14.64
N ILE C 64 -0.99 26.40 -13.55
CA ILE C 64 -2.18 26.23 -12.71
C ILE C 64 -2.59 27.57 -12.12
N GLN C 65 -1.62 28.31 -11.58
CA GLN C 65 -1.91 29.60 -10.96
C GLN C 65 -2.52 30.58 -11.95
N THR C 66 -1.97 30.65 -13.16
CA THR C 66 -2.53 31.55 -14.16
C THR C 66 -3.95 31.13 -14.55
N ALA C 67 -4.17 29.82 -14.74
CA ALA C 67 -5.51 29.34 -15.02
C ALA C 67 -6.45 29.59 -13.85
N VAL C 68 -5.94 29.53 -12.62
CA VAL C 68 -6.76 29.82 -11.44
C VAL C 68 -7.25 31.26 -11.49
N ARG C 69 -6.36 32.19 -11.85
CA ARG C 69 -6.76 33.60 -11.93
C ARG C 69 -7.79 33.84 -13.04
N LEU C 70 -7.72 33.04 -14.12
CA LEU C 70 -8.64 33.24 -15.23
C LEU C 70 -10.03 32.69 -14.94
N ILE C 71 -10.09 31.50 -14.34
CA ILE C 71 -11.39 30.86 -14.11
C ILE C 71 -12.08 31.43 -12.88
N LEU C 72 -11.34 31.61 -11.78
CA LEU C 72 -11.98 31.99 -10.53
C LEU C 72 -12.18 33.50 -10.45
N PRO C 73 -13.30 33.95 -9.91
CA PRO C 73 -13.52 35.39 -9.75
C PRO C 73 -12.59 35.98 -8.70
N GLY C 74 -12.65 37.31 -8.60
CA GLY C 74 -11.75 38.12 -7.79
C GLY C 74 -11.26 37.55 -6.47
N GLU C 75 -12.06 37.66 -5.41
CA GLU C 75 -11.60 37.27 -4.08
C GLU C 75 -11.38 35.77 -3.98
N LEU C 76 -12.17 34.97 -4.71
CA LEU C 76 -11.95 33.52 -4.70
C LEU C 76 -10.59 33.17 -5.30
N ALA C 77 -10.17 33.90 -6.34
CA ALA C 77 -8.90 33.60 -6.99
C ALA C 77 -7.72 33.96 -6.09
N LYS C 78 -7.79 35.11 -5.40
CA LYS C 78 -6.69 35.52 -4.54
C LYS C 78 -6.50 34.54 -3.39
N HIS C 79 -7.60 34.07 -2.79
CA HIS C 79 -7.49 33.12 -1.70
C HIS C 79 -7.05 31.76 -2.20
N ALA C 80 -7.53 31.35 -3.38
CA ALA C 80 -7.07 30.09 -3.96
C ALA C 80 -5.60 30.15 -4.29
N VAL C 81 -5.13 31.28 -4.82
CA VAL C 81 -3.70 31.44 -5.10
C VAL C 81 -2.90 31.33 -3.82
N SER C 82 -3.30 32.06 -2.78
CA SER C 82 -2.59 32.00 -1.50
C SER C 82 -2.57 30.59 -0.94
N GLU C 83 -3.69 29.86 -1.09
CA GLU C 83 -3.72 28.48 -0.62
C GLU C 83 -2.81 27.60 -1.46
N GLY C 84 -2.70 27.90 -2.76
CA GLY C 84 -1.84 27.09 -3.62
C GLY C 84 -0.37 27.26 -3.31
N THR C 85 0.08 28.50 -3.15
CA THR C 85 1.48 28.75 -2.83
C THR C 85 1.84 28.20 -1.46
N LYS C 86 0.92 28.28 -0.50
CA LYS C 86 1.19 27.76 0.83
C LYS C 86 1.39 26.25 0.80
N ALA C 87 0.56 25.54 0.03
CA ALA C 87 0.70 24.09 -0.06
C ALA C 87 1.98 23.70 -0.78
N VAL C 88 2.35 24.45 -1.83
CA VAL C 88 3.60 24.16 -2.52
C VAL C 88 4.80 24.46 -1.62
N THR C 89 4.73 25.57 -0.87
CA THR C 89 5.80 25.91 0.06
C THR C 89 5.96 24.82 1.12
N LYS C 90 4.85 24.38 1.70
CA LYS C 90 4.90 23.33 2.71
C LYS C 90 5.36 22.00 2.12
N TYR C 91 4.92 21.69 0.90
CA TYR C 91 5.35 20.46 0.24
C TYR C 91 6.84 20.48 -0.05
N THR C 92 7.37 21.64 -0.45
CA THR C 92 8.79 21.72 -0.80
C THR C 92 9.69 21.47 0.39
N SER C 93 9.29 21.89 1.59
CA SER C 93 10.13 21.74 2.77
C SER C 93 9.74 20.55 3.65
N SER C 94 8.82 19.69 3.19
CA SER C 94 8.40 18.53 3.96
C SER C 94 9.44 17.41 3.89
N LYS C 95 9.02 16.19 4.23
CA LYS C 95 9.92 15.04 4.19
C LYS C 95 9.46 14.02 3.14
N LYS C 101 7.94 6.43 8.71
CA LYS C 101 6.84 6.07 7.82
C LYS C 101 6.80 6.99 6.61
N ALA C 102 6.34 6.45 5.48
CA ALA C 102 6.29 7.21 4.23
C ALA C 102 4.99 8.01 4.19
N LYS C 103 5.12 9.33 4.19
CA LYS C 103 3.97 10.22 4.16
C LYS C 103 3.43 10.37 2.74
N SER C 104 2.12 10.50 2.63
CA SER C 104 1.49 10.74 1.34
C SER C 104 1.78 12.17 0.89
N ARG C 105 1.61 12.41 -0.42
CA ARG C 105 1.90 13.73 -0.98
C ARG C 105 0.94 14.78 -0.44
N SER C 106 -0.33 14.41 -0.22
CA SER C 106 -1.28 15.37 0.32
C SER C 106 -0.95 15.72 1.77
N SER C 107 -0.59 14.73 2.59
CA SER C 107 -0.23 15.02 3.96
C SER C 107 1.03 15.88 4.03
N ARG C 108 1.96 15.67 3.09
CA ARG C 108 3.13 16.53 3.02
C ARG C 108 2.76 17.97 2.65
N ALA C 109 1.69 18.13 1.88
CA ALA C 109 1.19 19.45 1.53
C ALA C 109 0.13 19.97 2.50
N GLY C 110 -0.20 19.19 3.52
CA GLY C 110 -1.23 19.58 4.47
C GLY C 110 -2.62 19.64 3.89
N LEU C 111 -2.94 18.73 2.97
CA LEU C 111 -4.20 18.75 2.26
C LEU C 111 -4.94 17.43 2.42
N GLN C 112 -6.26 17.49 2.21
CA GLN C 112 -7.09 16.30 2.17
C GLN C 112 -7.34 15.81 0.74
N PHE C 113 -7.44 16.72 -0.22
CA PHE C 113 -7.66 16.32 -1.60
C PHE C 113 -6.44 15.56 -2.13
N PRO C 114 -6.65 14.55 -2.97
CA PRO C 114 -5.57 13.62 -3.33
C PRO C 114 -4.60 14.22 -4.34
N VAL C 115 -3.38 14.49 -3.89
CA VAL C 115 -2.36 15.04 -4.78
C VAL C 115 -1.94 14.00 -5.81
N GLY C 116 -1.76 12.75 -5.38
CA GLY C 116 -1.32 11.71 -6.29
C GLY C 116 -2.31 11.44 -7.40
N ARG C 117 -3.59 11.32 -7.05
CA ARG C 117 -4.61 11.05 -8.06
C ARG C 117 -4.74 12.21 -9.04
N LEU C 118 -4.71 13.45 -8.53
CA LEU C 118 -4.78 14.61 -9.42
C LEU C 118 -3.57 14.67 -10.34
N HIS C 119 -2.40 14.25 -9.86
CA HIS C 119 -1.25 14.15 -10.74
C HIS C 119 -1.48 13.11 -11.83
N ARG C 120 -2.11 11.99 -11.48
CA ARG C 120 -2.36 10.94 -12.47
C ARG C 120 -3.44 11.36 -13.46
N ILE C 121 -4.46 12.09 -12.99
CA ILE C 121 -5.50 12.56 -13.89
C ILE C 121 -4.95 13.60 -14.87
N LEU C 122 -4.09 14.50 -14.37
CA LEU C 122 -3.48 15.48 -15.25
C LEU C 122 -2.61 14.82 -16.31
N ARG C 123 -1.82 13.81 -15.91
CA ARG C 123 -1.00 13.09 -16.87
C ARG C 123 -1.86 12.31 -17.86
N LYS C 124 -2.96 11.73 -17.39
CA LYS C 124 -3.79 10.89 -18.25
C LYS C 124 -4.53 11.73 -19.29
N GLY C 125 -4.99 12.92 -18.91
CA GLY C 125 -5.73 13.76 -19.83
C GLY C 125 -4.92 14.30 -20.99
N ASN C 126 -3.61 14.09 -21.00
CA ASN C 126 -2.72 14.56 -22.06
C ASN C 126 -2.82 16.08 -22.24
N TYR C 127 -3.02 16.80 -21.14
CA TYR C 127 -3.06 18.26 -21.20
C TYR C 127 -1.72 18.86 -21.57
N ALA C 128 -0.63 18.14 -21.36
CA ALA C 128 0.71 18.59 -21.73
C ALA C 128 1.63 17.38 -21.77
N GLN C 129 2.85 17.61 -22.26
CA GLN C 129 3.82 16.51 -22.34
C GLN C 129 4.31 16.11 -20.95
N ARG C 130 4.48 17.09 -20.07
CA ARG C 130 5.00 16.84 -18.73
C ARG C 130 4.21 17.62 -17.70
N VAL C 131 3.92 16.98 -16.58
CA VAL C 131 3.20 17.58 -15.47
C VAL C 131 4.16 17.60 -14.28
N GLY C 132 4.59 18.79 -13.87
CA GLY C 132 5.49 18.90 -12.74
C GLY C 132 4.84 18.49 -11.44
N ALA C 133 5.69 18.17 -10.46
CA ALA C 133 5.20 17.68 -9.17
C ALA C 133 4.43 18.75 -8.41
N GLY C 134 4.75 20.03 -8.65
CA GLY C 134 4.07 21.10 -7.94
C GLY C 134 2.69 21.42 -8.46
N ALA C 135 2.38 21.03 -9.70
CA ALA C 135 1.07 21.34 -10.27
C ALA C 135 -0.07 20.65 -9.53
N PRO C 136 -0.04 19.34 -9.25
CA PRO C 136 -1.16 18.75 -8.52
C PRO C 136 -1.25 19.21 -7.07
N VAL C 137 -0.12 19.59 -6.46
CA VAL C 137 -0.16 20.14 -5.11
C VAL C 137 -0.94 21.45 -5.11
N TYR C 138 -0.58 22.35 -6.01
CA TYR C 138 -1.29 23.63 -6.14
C TYR C 138 -2.77 23.40 -6.47
N LEU C 139 -3.04 22.51 -7.41
CA LEU C 139 -4.41 22.27 -7.84
C LEU C 139 -5.25 21.64 -6.73
N ALA C 140 -4.67 20.70 -5.98
CA ALA C 140 -5.40 20.08 -4.87
C ALA C 140 -5.78 21.11 -3.83
N ALA C 141 -4.87 22.04 -3.53
CA ALA C 141 -5.17 23.08 -2.54
C ALA C 141 -6.28 24.01 -3.03
N VAL C 142 -6.35 24.25 -4.34
CA VAL C 142 -7.39 25.14 -4.87
C VAL C 142 -8.74 24.46 -4.81
N LEU C 143 -8.82 23.21 -5.26
CA LEU C 143 -10.08 22.47 -5.21
C LEU C 143 -10.52 22.24 -3.77
N GLU C 144 -9.57 22.01 -2.87
CA GLU C 144 -9.93 21.84 -1.46
C GLU C 144 -10.45 23.14 -0.86
N TYR C 145 -9.81 24.27 -1.19
CA TYR C 145 -10.29 25.55 -0.70
C TYR C 145 -11.70 25.83 -1.20
N LEU C 146 -11.94 25.60 -2.48
CA LEU C 146 -13.27 25.85 -3.05
C LEU C 146 -14.31 24.94 -2.40
N ALA C 147 -13.98 23.67 -2.18
CA ALA C 147 -14.90 22.77 -1.51
C ALA C 147 -15.17 23.22 -0.09
N ALA C 148 -14.12 23.67 0.62
CA ALA C 148 -14.29 24.12 2.00
C ALA C 148 -15.18 25.36 2.07
N GLU C 149 -15.03 26.28 1.11
CA GLU C 149 -15.86 27.47 1.11
C GLU C 149 -17.32 27.13 0.85
N VAL C 150 -17.58 26.23 -0.10
CA VAL C 150 -18.96 25.83 -0.39
C VAL C 150 -19.55 25.06 0.78
N LEU C 151 -18.77 24.16 1.37
CA LEU C 151 -19.28 23.39 2.51
C LEU C 151 -19.51 24.27 3.73
N GLU C 152 -18.70 25.31 3.91
CA GLU C 152 -18.89 26.22 5.04
C GLU C 152 -20.24 26.92 4.96
N LEU C 153 -20.56 27.48 3.79
CA LEU C 153 -21.82 28.19 3.64
C LEU C 153 -23.01 27.26 3.53
N ALA C 154 -22.84 26.08 2.93
CA ALA C 154 -23.92 25.10 2.90
C ALA C 154 -24.24 24.59 4.30
N GLY C 155 -23.21 24.32 5.10
CA GLY C 155 -23.43 23.91 6.47
C GLY C 155 -24.12 24.97 7.29
N ASN C 156 -23.80 26.24 7.03
CA ASN C 156 -24.49 27.34 7.71
C ASN C 156 -25.95 27.39 7.30
N ALA C 157 -26.24 27.22 6.01
CA ALA C 157 -27.62 27.19 5.56
C ALA C 157 -28.38 25.98 6.11
N ALA C 158 -27.67 24.88 6.33
CA ALA C 158 -28.33 23.68 6.87
C ALA C 158 -28.86 23.92 8.27
N ARG C 159 -28.01 24.41 9.17
CA ARG C 159 -28.46 24.61 10.55
C ARG C 159 -29.37 25.82 10.71
N ASP C 160 -29.28 26.81 9.81
CA ASP C 160 -30.29 27.86 9.80
C ASP C 160 -31.66 27.30 9.47
N ASN C 161 -31.70 26.22 8.69
CA ASN C 161 -32.91 25.44 8.44
C ASN C 161 -33.12 24.38 9.52
N LYS C 162 -32.38 24.45 10.62
CA LYS C 162 -32.52 23.51 11.74
C LYS C 162 -32.26 22.08 11.30
N LYS C 163 -31.17 21.90 10.57
CA LYS C 163 -30.78 20.60 10.07
C LYS C 163 -29.32 20.36 10.40
N THR C 164 -28.95 19.08 10.47
CA THR C 164 -27.56 18.68 10.65
C THR C 164 -26.97 18.03 9.40
N ARG C 165 -27.76 17.93 8.33
CA ARG C 165 -27.32 17.27 7.10
C ARG C 165 -27.50 18.22 5.93
N ILE C 166 -26.43 18.45 5.18
CA ILE C 166 -26.48 19.32 4.02
C ILE C 166 -27.28 18.63 2.91
N ALA C 167 -28.40 19.23 2.55
CA ALA C 167 -29.25 18.78 1.47
C ALA C 167 -28.97 19.60 0.22
N PRO C 168 -29.40 19.13 -0.96
CA PRO C 168 -29.17 19.93 -2.18
C PRO C 168 -29.62 21.38 -2.06
N ARG C 169 -30.80 21.65 -1.51
CA ARG C 169 -31.28 23.03 -1.42
C ARG C 169 -30.37 23.88 -0.55
N HIS C 170 -29.65 23.26 0.39
CA HIS C 170 -28.67 24.01 1.17
C HIS C 170 -27.44 24.35 0.33
N LEU C 171 -27.04 23.44 -0.55
CA LEU C 171 -25.98 23.74 -1.50
C LEU C 171 -26.41 24.81 -2.49
N GLN C 172 -27.66 24.75 -2.95
CA GLN C 172 -28.16 25.73 -3.90
C GLN C 172 -28.12 27.13 -3.30
N LEU C 173 -28.72 27.31 -2.13
CA LEU C 173 -28.81 28.64 -1.54
C LEU C 173 -27.43 29.19 -1.18
N ALA C 174 -26.50 28.31 -0.76
CA ALA C 174 -25.17 28.78 -0.39
C ALA C 174 -24.43 29.33 -1.60
N VAL C 175 -24.61 28.72 -2.76
CA VAL C 175 -23.90 29.17 -3.96
C VAL C 175 -24.57 30.40 -4.55
N ARG C 176 -25.90 30.38 -4.70
CA ARG C 176 -26.59 31.48 -5.35
C ARG C 176 -26.61 32.75 -4.50
N ASN C 177 -26.33 32.67 -3.20
CA ASN C 177 -26.31 33.85 -2.36
C ASN C 177 -24.91 34.40 -2.14
N ASP C 178 -23.88 33.72 -2.62
CA ASP C 178 -22.51 34.24 -2.64
C ASP C 178 -22.21 34.69 -4.07
N GLU C 179 -21.79 35.95 -4.22
CA GLU C 179 -21.64 36.53 -5.55
C GLU C 179 -20.59 35.77 -6.38
N GLU C 180 -19.44 35.49 -5.78
CA GLU C 180 -18.35 34.88 -6.54
C GLU C 180 -18.57 33.39 -6.76
N LEU C 181 -19.03 32.68 -5.73
CA LEU C 181 -19.34 31.27 -5.91
C LEU C 181 -20.47 31.08 -6.92
N ASN C 182 -21.42 32.01 -6.97
CA ASN C 182 -22.51 31.90 -7.95
C ASN C 182 -21.99 32.07 -9.37
N LYS C 183 -21.09 33.04 -9.60
CA LYS C 183 -20.56 33.23 -10.94
C LYS C 183 -19.64 32.08 -11.34
N LEU C 184 -18.91 31.52 -10.37
CA LEU C 184 -18.01 30.40 -10.68
C LEU C 184 -18.79 29.15 -11.04
N LEU C 185 -19.86 28.85 -10.31
CA LEU C 185 -20.58 27.59 -10.46
C LEU C 185 -21.95 27.75 -11.09
N ALA C 186 -22.17 28.85 -11.82
CA ALA C 186 -23.50 29.07 -12.43
C ALA C 186 -23.81 28.02 -13.48
N GLY C 187 -22.83 27.71 -14.34
CA GLY C 187 -23.10 26.79 -15.44
C GLY C 187 -23.38 25.37 -15.00
N VAL C 188 -22.79 24.93 -13.90
CA VAL C 188 -22.95 23.57 -13.42
C VAL C 188 -24.40 23.31 -12.99
#